data_8JJT
#
_entry.id   8JJT
#
_cell.length_a   108.223
_cell.length_b   56.375
_cell.length_c   108.445
_cell.angle_alpha   90.000
_cell.angle_beta   91.106
_cell.angle_gamma   90.000
#
_symmetry.space_group_name_H-M   'P 1 21 1'
#
loop_
_entity.id
_entity.type
_entity.pdbx_description
1 polymer 'TIGR04348 family glycosyltransferase'
2 non-polymer URIDINE-DIPHOSPHATE-N-ACETYLGLUCOSAMINE
3 water water
#
_entity_poly.entity_id   1
_entity_poly.type   'polypeptide(L)'
_entity_poly.pdbx_seq_one_letter_code
;MSNPSLVIVSPALPGANNGNWRTAQRWKALLSPVCSARVVQQWPDADASADTVMLALHARRSAESIAHWAHAHPGRGLGV
VLTGTDLYQDIGSDPQAQRSLQLAQRLVVLQALGAEALPPECRAKARVVYQSTSARAELPKSARQLRAVMVGHLRQVKSP
QTLFDAARLLCGREDIRIDHIGDAGDAGLGELARALASDCPGYRWLGALPHAQTRQRIQRAHVLVHTSALEGGAHVIMEA
VRSGTPVLASRVPGNVGMLGNDYAGYFPHGDAAALAALLEACRAGQGSKDRAAGLLDSLRTQCALRAPLFDPRAEQAALF
QLLNELQPPPP
;
_entity_poly.pdbx_strand_id   C,A,B
#
loop_
_chem_comp.id
_chem_comp.type
_chem_comp.name
_chem_comp.formula
UD1 non-polymer URIDINE-DIPHOSPHATE-N-ACETYLGLUCOSAMINE 'C17 H27 N3 O17 P2'
#
# COMPACT_ATOMS: atom_id res chain seq x y z
N SER A 2 6.55 35.30 9.07
CA SER A 2 6.08 33.95 8.65
C SER A 2 7.30 33.07 8.27
N ASN A 3 7.06 31.82 7.86
CA ASN A 3 8.12 30.86 7.47
C ASN A 3 8.81 31.32 6.19
N PRO A 4 10.09 30.91 5.96
CA PRO A 4 10.78 31.29 4.73
C PRO A 4 10.06 30.73 3.49
N SER A 5 10.33 31.36 2.34
CA SER A 5 10.00 30.89 0.99
C SER A 5 11.30 30.47 0.35
N LEU A 6 11.46 29.17 0.24
CA LEU A 6 12.71 28.55 -0.23
C LEU A 6 12.53 28.25 -1.71
N VAL A 7 13.58 28.52 -2.48
CA VAL A 7 13.63 28.09 -3.89
C VAL A 7 14.85 27.22 -4.07
N ILE A 8 14.59 25.98 -4.52
CA ILE A 8 15.67 25.03 -4.81
C ILE A 8 15.90 25.08 -6.31
N VAL A 9 17.14 25.33 -6.72
CA VAL A 9 17.51 25.37 -8.15
C VAL A 9 18.22 24.06 -8.46
N SER A 10 17.65 23.28 -9.38
CA SER A 10 18.25 22.00 -9.86
C SER A 10 18.39 22.11 -11.37
N PRO A 11 19.55 21.77 -11.93
CA PRO A 11 19.67 21.78 -13.38
C PRO A 11 19.02 20.56 -14.08
N ALA A 12 18.52 19.61 -13.31
CA ALA A 12 17.84 18.42 -13.86
C ALA A 12 16.59 18.89 -14.60
N LEU A 13 16.22 18.16 -15.65
CA LEU A 13 14.85 18.26 -16.20
C LEU A 13 13.81 17.78 -15.19
N PRO A 14 12.70 18.53 -15.02
CA PRO A 14 11.63 18.08 -14.13
C PRO A 14 11.25 16.62 -14.44
N GLY A 15 11.20 15.81 -13.39
CA GLY A 15 10.77 14.40 -13.46
C GLY A 15 11.89 13.46 -13.88
N ALA A 16 13.10 13.97 -14.15
CA ALA A 16 14.23 13.11 -14.58
C ALA A 16 14.59 12.15 -13.45
N ASN A 17 15.01 10.97 -13.86
CA ASN A 17 15.46 9.91 -12.94
C ASN A 17 16.99 10.02 -12.78
N ASN A 18 17.45 10.99 -11.99
CA ASN A 18 18.90 11.15 -11.70
C ASN A 18 19.04 11.78 -10.30
N GLY A 19 20.29 11.90 -9.82
CA GLY A 19 20.62 12.45 -8.48
C GLY A 19 20.17 13.89 -8.34
N ASN A 20 20.37 14.69 -9.37
CA ASN A 20 20.14 16.16 -9.22
C ASN A 20 18.64 16.39 -9.03
N TRP A 21 17.78 15.58 -9.68
CA TRP A 21 16.33 15.74 -9.49
C TRP A 21 15.92 15.17 -8.15
N ARG A 22 16.46 14.01 -7.83
CA ARG A 22 16.16 13.24 -6.59
C ARG A 22 16.46 14.12 -5.36
N THR A 23 17.63 14.70 -5.29
CA THR A 23 18.04 15.59 -4.14
C THR A 23 17.01 16.69 -4.05
N ALA A 24 16.76 17.38 -5.17
CA ALA A 24 15.93 18.60 -5.11
C ALA A 24 14.53 18.22 -4.61
N GLN A 25 13.93 17.16 -5.15
CA GLN A 25 12.56 16.73 -4.75
C GLN A 25 12.54 16.22 -3.31
N ARG A 26 13.60 15.52 -2.86
CA ARG A 26 13.70 15.04 -1.45
C ARG A 26 13.86 16.23 -0.49
N TRP A 27 14.69 17.20 -0.82
CA TRP A 27 14.93 18.37 0.05
C TRP A 27 13.62 19.16 0.16
N LYS A 28 12.87 19.30 -0.92
CA LYS A 28 11.56 19.94 -0.86
C LYS A 28 10.65 19.20 0.15
N ALA A 29 10.53 17.87 0.08
CA ALA A 29 9.67 17.07 0.97
C ALA A 29 10.15 17.26 2.41
N LEU A 30 11.45 17.23 2.63
CA LEU A 30 12.02 17.22 4.00
C LEU A 30 11.85 18.58 4.68
N LEU A 31 11.91 19.66 3.90
CA LEU A 31 11.86 21.03 4.43
C LEU A 31 10.42 21.57 4.48
N SER A 32 9.44 20.86 3.90
CA SER A 32 8.04 21.35 3.73
C SER A 32 7.36 21.66 5.06
N PRO A 33 7.65 20.95 6.17
CA PRO A 33 7.02 21.31 7.45
C PRO A 33 7.48 22.67 8.03
N VAL A 34 8.60 23.26 7.59
CA VAL A 34 9.12 24.53 8.18
C VAL A 34 9.19 25.67 7.15
N CYS A 35 8.79 25.44 5.91
CA CYS A 35 8.88 26.52 4.88
C CYS A 35 7.99 26.15 3.72
N SER A 36 7.77 27.17 2.88
CA SER A 36 7.12 27.04 1.57
C SER A 36 8.28 26.76 0.61
N ALA A 37 8.27 25.60 -0.04
CA ALA A 37 9.44 25.17 -0.85
C ALA A 37 8.97 24.92 -2.27
N ARG A 38 9.80 25.31 -3.24
CA ARG A 38 9.56 25.07 -4.67
C ARG A 38 10.89 24.76 -5.34
N VAL A 39 10.80 23.99 -6.42
CA VAL A 39 11.95 23.57 -7.25
C VAL A 39 11.81 24.24 -8.63
N VAL A 40 12.91 24.81 -9.14
CA VAL A 40 12.98 25.44 -10.47
C VAL A 40 14.26 24.99 -11.15
N GLN A 41 14.38 25.20 -12.45
CA GLN A 41 15.60 24.94 -13.20
C GLN A 41 16.46 26.20 -13.27
N GLN A 42 15.83 27.38 -13.19
CA GLN A 42 16.53 28.66 -13.28
C GLN A 42 15.76 29.72 -12.48
N TRP A 43 16.48 30.76 -12.08
CA TRP A 43 15.96 31.87 -11.24
C TRP A 43 16.55 33.17 -11.78
N PRO A 44 15.79 34.27 -11.91
CA PRO A 44 14.42 34.36 -11.43
C PRO A 44 13.43 33.80 -12.45
N ASP A 45 12.17 33.80 -12.03
CA ASP A 45 10.95 33.46 -12.79
C ASP A 45 9.85 34.40 -12.33
N ALA A 46 8.61 34.15 -12.76
CA ALA A 46 7.45 35.04 -12.45
C ALA A 46 7.14 35.04 -10.94
N ASP A 47 7.57 34.01 -10.18
CA ASP A 47 7.28 33.92 -8.71
C ASP A 47 8.48 34.36 -7.86
N ALA A 48 9.51 34.93 -8.44
CA ALA A 48 10.81 35.12 -7.76
C ALA A 48 10.72 36.13 -6.62
N SER A 49 9.76 37.06 -6.64
CA SER A 49 9.74 38.20 -5.67
C SER A 49 9.42 37.68 -4.25
N ALA A 50 8.71 36.55 -4.10
CA ALA A 50 8.38 36.06 -2.75
C ALA A 50 9.48 35.15 -2.17
N ASP A 51 10.47 34.69 -2.93
CA ASP A 51 11.54 33.81 -2.40
C ASP A 51 12.46 34.59 -1.42
N THR A 52 12.82 33.99 -0.29
CA THR A 52 13.71 34.59 0.76
C THR A 52 14.99 33.77 0.95
N VAL A 53 15.01 32.51 0.51
CA VAL A 53 16.22 31.64 0.59
C VAL A 53 16.34 30.84 -0.72
N MET A 54 17.58 30.68 -1.20
CA MET A 54 17.92 29.80 -2.35
C MET A 54 18.90 28.71 -1.91
N LEU A 55 18.61 27.46 -2.32
CA LEU A 55 19.54 26.33 -2.33
C LEU A 55 19.73 25.94 -3.79
N ALA A 56 20.93 26.19 -4.33
CA ALA A 56 21.27 26.03 -5.75
C ALA A 56 22.21 24.84 -5.89
N LEU A 57 21.77 23.83 -6.64
CA LEU A 57 22.63 22.66 -6.92
C LEU A 57 23.51 22.92 -8.14
N HIS A 58 24.82 22.69 -7.93
CA HIS A 58 25.92 22.64 -8.90
C HIS A 58 26.44 24.06 -9.15
N ALA A 59 27.66 24.34 -8.68
CA ALA A 59 28.30 25.67 -8.68
C ALA A 59 28.51 26.20 -10.11
N ARG A 60 28.60 25.30 -11.11
CA ARG A 60 28.80 25.69 -12.53
C ARG A 60 27.45 25.70 -13.23
N ARG A 61 26.72 24.57 -13.24
CA ARG A 61 25.47 24.42 -14.02
C ARG A 61 24.42 25.43 -13.57
N SER A 62 24.33 25.79 -12.28
CA SER A 62 23.40 26.82 -11.80
C SER A 62 24.12 28.18 -11.59
N ALA A 63 25.34 28.39 -12.06
CA ALA A 63 26.12 29.65 -11.76
C ALA A 63 25.31 30.90 -12.16
N GLU A 64 24.54 30.82 -13.24
CA GLU A 64 23.77 32.00 -13.73
C GLU A 64 22.65 32.36 -12.75
N SER A 65 21.96 31.39 -12.16
CA SER A 65 20.86 31.65 -11.19
C SER A 65 21.46 32.10 -9.86
N ILE A 66 22.55 31.46 -9.43
CA ILE A 66 23.33 31.84 -8.21
C ILE A 66 23.74 33.33 -8.29
N ALA A 67 24.29 33.74 -9.44
CA ALA A 67 24.69 35.15 -9.68
C ALA A 67 23.47 36.05 -9.58
N HIS A 68 22.35 35.66 -10.22
CA HIS A 68 21.10 36.47 -10.16
C HIS A 68 20.68 36.70 -8.71
N TRP A 69 20.73 35.64 -7.92
CA TRP A 69 20.33 35.67 -6.51
C TRP A 69 21.26 36.61 -5.73
N ALA A 70 22.57 36.45 -5.89
CA ALA A 70 23.64 37.17 -5.14
C ALA A 70 23.52 38.68 -5.47
N HIS A 71 23.36 39.02 -6.74
CA HIS A 71 23.04 40.42 -7.18
C HIS A 71 21.70 40.92 -6.60
N ALA A 72 20.62 40.13 -6.53
CA ALA A 72 19.33 40.59 -5.99
C ALA A 72 19.31 40.53 -4.46
N HIS A 73 20.26 39.83 -3.80
CA HIS A 73 20.20 39.66 -2.33
C HIS A 73 21.60 39.67 -1.75
N PRO A 74 22.41 40.73 -1.98
CA PRO A 74 23.83 40.63 -1.71
C PRO A 74 24.02 40.32 -0.21
N GLY A 75 24.78 39.25 0.03
CA GLY A 75 25.24 38.78 1.35
C GLY A 75 24.19 37.99 2.09
N ARG A 76 23.01 37.68 1.48
CA ARG A 76 21.90 36.99 2.20
C ARG A 76 21.25 35.84 1.43
N GLY A 77 20.97 34.73 2.13
CA GLY A 77 19.97 33.74 1.71
C GLY A 77 20.47 32.71 0.71
N LEU A 78 21.75 32.71 0.33
CA LEU A 78 22.32 31.79 -0.68
C LEU A 78 23.12 30.62 -0.10
N GLY A 79 22.58 29.42 -0.37
CA GLY A 79 23.30 28.14 -0.27
C GLY A 79 23.57 27.54 -1.63
N VAL A 80 24.84 27.18 -1.86
CA VAL A 80 25.33 26.50 -3.08
C VAL A 80 25.70 25.07 -2.68
N VAL A 81 25.08 24.11 -3.38
CA VAL A 81 25.24 22.67 -3.11
C VAL A 81 26.20 22.05 -4.13
N LEU A 82 27.28 21.52 -3.62
CA LEU A 82 28.33 20.94 -4.46
C LEU A 82 27.95 19.47 -4.75
N THR A 83 27.34 19.21 -5.90
CA THR A 83 26.73 17.87 -6.24
C THR A 83 27.76 16.92 -6.83
N GLY A 84 28.95 17.41 -7.21
CA GLY A 84 30.05 16.47 -7.48
C GLY A 84 31.01 16.96 -8.53
N THR A 85 30.55 17.01 -9.78
CA THR A 85 31.41 17.38 -10.91
C THR A 85 31.92 18.82 -10.76
N ASP A 86 31.22 19.65 -10.01
CA ASP A 86 31.68 20.98 -9.58
C ASP A 86 32.87 20.90 -8.60
N LEU A 87 32.70 20.22 -7.47
CA LEU A 87 33.65 20.06 -6.35
C LEU A 87 34.95 19.39 -6.83
N TYR A 88 34.84 18.32 -7.58
CA TYR A 88 35.96 17.43 -7.95
C TYR A 88 36.42 17.64 -9.41
N GLN A 89 35.92 18.64 -10.11
CA GLN A 89 36.37 19.02 -11.48
C GLN A 89 36.38 20.54 -11.63
N ASP A 90 35.21 21.20 -11.65
CA ASP A 90 35.06 22.56 -12.21
C ASP A 90 35.70 23.62 -11.32
N ILE A 91 35.64 23.50 -9.98
CA ILE A 91 36.04 24.64 -9.11
C ILE A 91 37.55 24.85 -9.24
N GLY A 92 38.27 23.90 -9.88
CA GLY A 92 39.71 24.00 -10.10
C GLY A 92 40.06 25.16 -11.02
N SER A 93 39.35 25.31 -12.13
CA SER A 93 39.70 26.26 -13.22
C SER A 93 38.50 27.08 -13.71
N ASP A 94 37.27 26.73 -13.38
CA ASP A 94 36.05 27.30 -14.00
C ASP A 94 35.68 28.60 -13.27
N PRO A 95 35.67 29.75 -13.94
CA PRO A 95 35.51 31.01 -13.24
C PRO A 95 34.07 31.13 -12.76
N GLN A 96 33.11 30.52 -13.47
CA GLN A 96 31.71 30.60 -13.01
C GLN A 96 31.56 29.81 -11.70
N ALA A 97 32.10 28.59 -11.63
CA ALA A 97 32.10 27.74 -10.40
C ALA A 97 32.77 28.51 -9.23
N GLN A 98 33.94 29.07 -9.49
CA GLN A 98 34.67 29.91 -8.50
C GLN A 98 33.83 31.07 -7.99
N ARG A 99 33.10 31.78 -8.85
CA ARG A 99 32.28 32.95 -8.39
C ARG A 99 31.16 32.45 -7.50
N SER A 100 30.51 31.35 -7.88
CA SER A 100 29.44 30.72 -7.08
C SER A 100 29.98 30.45 -5.66
N LEU A 101 31.18 29.91 -5.55
CA LEU A 101 31.81 29.57 -4.25
C LEU A 101 31.95 30.88 -3.45
N GLN A 102 32.36 31.97 -4.10
CA GLN A 102 32.63 33.24 -3.38
C GLN A 102 31.32 33.86 -2.92
N LEU A 103 30.26 33.79 -3.73
CA LEU A 103 28.97 34.48 -3.48
C LEU A 103 28.11 33.80 -2.40
N ALA A 104 28.29 32.51 -2.18
CA ALA A 104 27.42 31.74 -1.28
C ALA A 104 27.59 32.22 0.16
N GLN A 105 26.49 32.34 0.88
CA GLN A 105 26.50 32.48 2.35
C GLN A 105 26.91 31.12 2.96
N ARG A 106 26.47 29.99 2.39
CA ARG A 106 26.77 28.60 2.92
C ARG A 106 27.06 27.65 1.75
N LEU A 107 28.04 26.79 1.91
CA LEU A 107 28.30 25.78 0.85
C LEU A 107 27.92 24.45 1.46
N VAL A 108 27.31 23.56 0.67
CA VAL A 108 26.90 22.25 1.23
C VAL A 108 27.70 21.23 0.48
N VAL A 109 28.30 20.31 1.21
CA VAL A 109 28.96 19.12 0.62
C VAL A 109 28.17 17.91 1.14
N LEU A 110 28.14 16.84 0.35
CA LEU A 110 27.18 15.74 0.62
C LEU A 110 27.84 14.54 1.34
N GLN A 111 29.08 14.70 1.78
CA GLN A 111 29.75 13.75 2.70
C GLN A 111 30.94 14.43 3.33
N ALA A 112 31.48 13.75 4.34
CA ALA A 112 32.37 14.30 5.40
C ALA A 112 33.64 14.85 4.79
N LEU A 113 34.11 14.27 3.68
CA LEU A 113 35.38 14.65 3.02
C LEU A 113 35.23 15.84 2.08
N GLY A 114 34.02 16.29 1.79
CA GLY A 114 33.79 17.29 0.74
C GLY A 114 34.63 18.55 0.92
N ALA A 115 34.73 19.10 2.15
CA ALA A 115 35.35 20.43 2.36
C ALA A 115 36.87 20.38 2.10
N GLU A 116 37.47 19.18 2.13
CA GLU A 116 38.91 18.96 1.81
C GLU A 116 39.18 19.42 0.36
N ALA A 117 38.19 19.32 -0.53
CA ALA A 117 38.33 19.70 -1.95
C ALA A 117 38.09 21.22 -2.14
N LEU A 118 37.53 21.91 -1.14
CA LEU A 118 37.26 23.38 -1.25
C LEU A 118 38.53 24.17 -0.93
N PRO A 119 38.64 25.39 -1.49
CA PRO A 119 39.63 26.33 -1.00
C PRO A 119 39.49 26.54 0.51
N PRO A 120 40.63 26.67 1.23
CA PRO A 120 40.59 26.86 2.68
C PRO A 120 39.74 28.07 3.08
N GLU A 121 39.67 29.11 2.26
CA GLU A 121 38.90 30.32 2.61
C GLU A 121 37.40 30.00 2.57
N CYS A 122 36.99 28.89 1.95
CA CYS A 122 35.55 28.50 1.82
C CYS A 122 35.17 27.49 2.91
N ARG A 123 36.09 27.07 3.79
CA ARG A 123 35.75 25.93 4.69
C ARG A 123 34.91 26.38 5.86
N ALA A 124 35.10 27.60 6.38
CA ALA A 124 34.31 28.08 7.55
C ALA A 124 32.81 28.07 7.22
N LYS A 125 32.41 28.29 5.98
CA LYS A 125 30.99 28.43 5.62
C LYS A 125 30.47 27.12 4.96
N ALA A 126 31.28 26.08 4.94
CA ALA A 126 30.91 24.75 4.42
C ALA A 126 30.17 23.95 5.48
N ARG A 127 29.12 23.26 5.03
CA ARG A 127 28.17 22.49 5.84
C ARG A 127 28.03 21.10 5.20
N VAL A 128 28.17 20.05 5.99
CA VAL A 128 27.96 18.64 5.53
C VAL A 128 26.49 18.27 5.68
N VAL A 129 25.91 17.80 4.60
CA VAL A 129 24.54 17.21 4.60
C VAL A 129 24.64 15.86 3.89
N TYR A 130 24.91 14.84 4.65
CA TYR A 130 24.67 13.44 4.19
C TYR A 130 23.23 13.31 3.68
N GLN A 131 23.10 12.71 2.50
CA GLN A 131 21.80 12.42 1.89
C GLN A 131 21.13 11.21 2.55
N SER A 132 19.88 10.98 2.18
CA SER A 132 19.04 9.95 2.83
C SER A 132 18.24 9.17 1.78
N THR A 133 17.79 7.98 2.16
CA THR A 133 16.96 7.09 1.34
C THR A 133 16.23 6.15 2.32
N SER A 134 15.04 5.72 1.91
CA SER A 134 14.24 4.75 2.68
C SER A 134 14.98 3.41 2.71
N ALA A 135 14.85 2.68 3.80
CA ALA A 135 15.50 1.38 3.97
C ALA A 135 14.65 0.32 3.24
N ARG A 136 15.30 -0.78 2.90
CA ARG A 136 14.66 -2.00 2.36
C ARG A 136 15.18 -3.18 3.20
N ALA A 137 14.32 -4.20 3.43
CA ALA A 137 14.63 -5.35 4.30
C ALA A 137 15.80 -6.05 3.63
N GLU A 138 16.82 -6.39 4.39
CA GLU A 138 17.93 -7.19 3.84
C GLU A 138 17.38 -8.62 3.57
N LEU A 139 17.54 -9.11 2.34
CA LEU A 139 16.99 -10.42 1.87
C LEU A 139 18.08 -11.48 2.04
N PRO A 140 17.75 -12.73 2.44
CA PRO A 140 18.68 -13.83 2.27
C PRO A 140 18.87 -14.05 0.77
N LYS A 141 20.06 -14.51 0.38
CA LYS A 141 20.42 -14.63 -1.05
C LYS A 141 21.03 -16.00 -1.29
N SER A 142 20.97 -16.49 -2.52
CA SER A 142 21.47 -17.83 -2.93
C SER A 142 23.00 -17.82 -2.93
N ALA A 143 23.61 -18.96 -2.58
CA ALA A 143 25.08 -19.15 -2.62
C ALA A 143 25.52 -19.77 -3.96
N ARG A 144 24.58 -20.07 -4.86
CA ARG A 144 24.86 -20.79 -6.11
C ARG A 144 25.60 -19.89 -7.11
N GLN A 145 25.42 -18.56 -7.04
CA GLN A 145 25.97 -17.62 -8.04
C GLN A 145 26.23 -16.29 -7.31
N LEU A 146 27.14 -15.49 -7.85
CA LEU A 146 27.31 -14.09 -7.40
C LEU A 146 26.70 -13.14 -8.44
N ARG A 147 25.75 -12.31 -8.04
CA ARG A 147 25.09 -11.37 -8.96
C ARG A 147 25.43 -9.97 -8.46
N ALA A 148 26.23 -9.27 -9.23
CA ALA A 148 26.64 -7.87 -8.95
C ALA A 148 25.75 -6.96 -9.78
N VAL A 149 25.50 -5.74 -9.29
CA VAL A 149 24.81 -4.70 -10.11
C VAL A 149 25.59 -3.38 -10.01
N MET A 150 25.64 -2.66 -11.12
CA MET A 150 26.14 -1.26 -11.15
C MET A 150 25.06 -0.36 -11.73
N VAL A 151 24.84 0.78 -11.10
CA VAL A 151 23.79 1.72 -11.48
C VAL A 151 24.40 3.12 -11.70
N GLY A 152 24.23 3.65 -12.91
CA GLY A 152 24.66 4.99 -13.29
C GLY A 152 24.39 5.22 -14.77
N HIS A 153 23.58 6.20 -15.11
CA HIS A 153 23.54 6.71 -16.51
C HIS A 153 24.98 6.84 -17.03
N LEU A 154 25.24 6.27 -18.22
CA LEU A 154 26.62 6.09 -18.72
C LEU A 154 27.20 7.46 -19.13
N ARG A 155 28.24 7.87 -18.43
CA ARG A 155 29.06 9.03 -18.82
C ARG A 155 30.46 8.82 -18.21
N GLN A 156 31.42 9.58 -18.72
CA GLN A 156 32.83 9.33 -18.39
C GLN A 156 33.06 9.37 -16.89
N VAL A 157 32.36 10.20 -16.12
CA VAL A 157 32.72 10.34 -14.67
C VAL A 157 32.38 9.04 -13.93
N LYS A 158 31.45 8.26 -14.46
CA LYS A 158 31.05 6.96 -13.87
C LYS A 158 32.12 5.88 -14.12
N SER A 159 33.08 6.17 -15.00
CA SER A 159 34.20 5.26 -15.34
C SER A 159 33.65 3.87 -15.63
N PRO A 160 32.65 3.72 -16.52
CA PRO A 160 32.06 2.42 -16.72
C PRO A 160 33.04 1.46 -17.41
N GLN A 161 34.09 1.96 -18.01
CA GLN A 161 35.10 1.09 -18.66
C GLN A 161 35.73 0.16 -17.63
N THR A 162 35.91 0.58 -16.38
CA THR A 162 36.49 -0.26 -15.33
C THR A 162 35.60 -1.50 -15.15
N LEU A 163 34.30 -1.30 -15.09
CA LEU A 163 33.32 -2.43 -15.00
C LEU A 163 33.37 -3.27 -16.29
N PHE A 164 33.39 -2.65 -17.47
CA PHE A 164 33.46 -3.38 -18.76
C PHE A 164 34.72 -4.26 -18.79
N ASP A 165 35.86 -3.70 -18.35
CA ASP A 165 37.18 -4.41 -18.33
C ASP A 165 37.16 -5.52 -17.29
N ALA A 166 36.55 -5.33 -16.10
CA ALA A 166 36.40 -6.42 -15.10
C ALA A 166 35.47 -7.54 -15.64
N ALA A 167 34.38 -7.18 -16.31
CA ALA A 167 33.40 -8.15 -16.87
C ALA A 167 34.12 -8.99 -17.93
N ARG A 168 34.99 -8.33 -18.68
CA ARG A 168 35.86 -9.05 -19.67
C ARG A 168 36.83 -10.01 -18.98
N LEU A 169 37.53 -9.58 -17.95
CA LEU A 169 38.43 -10.50 -17.21
C LEU A 169 37.62 -11.72 -16.75
N LEU A 170 36.36 -11.54 -16.43
CA LEU A 170 35.52 -12.63 -15.86
C LEU A 170 34.64 -13.33 -16.93
N CYS A 171 34.88 -13.07 -18.23
CA CYS A 171 33.96 -13.44 -19.36
C CYS A 171 33.56 -14.94 -19.26
N GLY A 172 34.49 -15.79 -18.85
CA GLY A 172 34.37 -17.28 -18.77
C GLY A 172 33.69 -17.76 -17.50
N ARG A 173 33.53 -16.91 -16.48
CA ARG A 173 33.02 -17.34 -15.14
C ARG A 173 31.51 -17.35 -15.22
N GLU A 174 30.90 -18.52 -15.45
CA GLU A 174 29.42 -18.62 -15.49
C GLU A 174 28.81 -18.41 -14.10
N ASP A 175 29.62 -18.41 -13.05
CA ASP A 175 29.13 -18.33 -11.65
C ASP A 175 29.14 -16.88 -11.16
N ILE A 176 29.47 -15.91 -12.02
CA ILE A 176 29.49 -14.45 -11.69
C ILE A 176 28.72 -13.71 -12.79
N ARG A 177 27.67 -12.99 -12.38
CA ARG A 177 26.77 -12.18 -13.21
C ARG A 177 26.97 -10.71 -12.84
N ILE A 178 27.00 -9.86 -13.83
CA ILE A 178 27.06 -8.36 -13.70
C ILE A 178 25.93 -7.78 -14.53
N ASP A 179 24.98 -7.14 -13.86
CA ASP A 179 23.93 -6.32 -14.47
C ASP A 179 24.32 -4.83 -14.33
N HIS A 180 24.11 -4.09 -15.39
CA HIS A 180 24.48 -2.67 -15.53
C HIS A 180 23.22 -1.93 -15.92
N ILE A 181 22.83 -1.00 -15.06
CA ILE A 181 21.60 -0.23 -15.23
C ILE A 181 22.01 1.23 -15.47
N GLY A 182 21.43 1.88 -16.50
CA GLY A 182 21.67 3.31 -16.82
C GLY A 182 21.54 3.56 -18.30
N ASP A 183 21.11 4.76 -18.68
CA ASP A 183 20.89 5.11 -20.10
C ASP A 183 22.25 5.24 -20.81
N ALA A 184 22.23 5.30 -22.13
CA ALA A 184 23.43 5.41 -23.00
C ALA A 184 23.59 6.88 -23.35
N GLY A 185 24.24 7.67 -22.51
CA GLY A 185 24.34 9.13 -22.68
C GLY A 185 25.52 9.54 -23.54
N ASP A 186 26.68 9.75 -22.90
CA ASP A 186 27.97 10.11 -23.54
C ASP A 186 28.27 9.12 -24.67
N ALA A 187 28.85 9.65 -25.76
CA ALA A 187 28.99 8.99 -27.08
C ALA A 187 29.80 7.69 -26.96
N GLY A 188 29.19 6.62 -27.44
CA GLY A 188 29.88 5.35 -27.68
C GLY A 188 29.92 4.48 -26.44
N LEU A 189 29.57 4.96 -25.23
CA LEU A 189 29.61 4.07 -24.03
C LEU A 189 28.54 2.98 -24.17
N GLY A 190 27.34 3.32 -24.61
CA GLY A 190 26.26 2.36 -24.89
C GLY A 190 26.72 1.27 -25.85
N GLU A 191 27.42 1.65 -26.92
CA GLU A 191 27.95 0.72 -27.95
C GLU A 191 28.93 -0.25 -27.30
N LEU A 192 29.83 0.24 -26.43
CA LEU A 192 30.80 -0.59 -25.68
C LEU A 192 30.03 -1.62 -24.84
N ALA A 193 29.01 -1.21 -24.08
CA ALA A 193 28.21 -2.10 -23.22
C ALA A 193 27.54 -3.18 -24.10
N ARG A 194 26.99 -2.80 -25.25
CA ARG A 194 26.29 -3.73 -26.17
C ARG A 194 27.24 -4.81 -26.69
N ALA A 195 28.44 -4.38 -27.12
CA ALA A 195 29.47 -5.28 -27.67
C ALA A 195 29.92 -6.22 -26.56
N LEU A 196 30.14 -5.71 -25.34
CA LEU A 196 30.54 -6.58 -24.21
C LEU A 196 29.45 -7.61 -23.92
N ALA A 197 28.19 -7.20 -23.91
CA ALA A 197 27.09 -8.10 -23.56
C ALA A 197 26.95 -9.20 -24.64
N SER A 198 27.30 -8.89 -25.87
CA SER A 198 27.21 -9.86 -26.97
C SER A 198 28.35 -10.89 -26.80
N ASP A 199 29.50 -10.49 -26.26
CA ASP A 199 30.68 -11.40 -26.10
C ASP A 199 30.65 -12.19 -24.81
N CYS A 200 30.12 -11.59 -23.73
CA CYS A 200 30.29 -12.06 -22.34
C CYS A 200 28.92 -12.14 -21.70
N PRO A 201 28.27 -13.32 -21.79
CA PRO A 201 26.85 -13.41 -21.50
C PRO A 201 26.55 -13.16 -20.02
N GLY A 202 27.56 -13.29 -19.16
CA GLY A 202 27.41 -13.01 -17.72
C GLY A 202 27.25 -11.51 -17.45
N TYR A 203 27.55 -10.66 -18.43
CA TYR A 203 27.37 -9.17 -18.38
C TYR A 203 26.09 -8.80 -19.12
N ARG A 204 25.20 -8.07 -18.47
CA ARG A 204 24.01 -7.56 -19.16
C ARG A 204 23.87 -6.06 -18.90
N TRP A 205 23.71 -5.29 -19.97
CA TRP A 205 23.38 -3.85 -19.89
C TRP A 205 21.88 -3.72 -20.09
N LEU A 206 21.18 -3.27 -19.05
CA LEU A 206 19.70 -3.28 -19.06
C LEU A 206 19.17 -1.93 -19.53
N GLY A 207 20.03 -0.96 -19.83
CA GLY A 207 19.59 0.39 -20.21
C GLY A 207 19.08 1.12 -18.96
N ALA A 208 18.41 2.25 -19.12
CA ALA A 208 17.78 2.99 -18.01
C ALA A 208 16.58 2.21 -17.50
N LEU A 209 16.39 2.18 -16.18
CA LEU A 209 15.20 1.54 -15.58
C LEU A 209 14.56 2.54 -14.64
N PRO A 210 13.24 2.39 -14.46
CA PRO A 210 12.54 3.18 -13.44
C PRO A 210 13.14 2.97 -12.04
N HIS A 211 13.12 4.02 -11.21
CA HIS A 211 13.75 4.02 -9.87
C HIS A 211 13.20 2.86 -9.01
N ALA A 212 11.89 2.57 -9.08
CA ALA A 212 11.30 1.51 -8.24
C ALA A 212 12.01 0.19 -8.54
N GLN A 213 12.04 -0.19 -9.81
CA GLN A 213 12.66 -1.43 -10.34
C GLN A 213 14.18 -1.43 -10.03
N THR A 214 14.84 -0.28 -10.11
CA THR A 214 16.30 -0.15 -9.82
C THR A 214 16.55 -0.44 -8.34
N ARG A 215 15.76 0.12 -7.43
CA ARG A 215 15.90 -0.19 -5.98
C ARG A 215 15.63 -1.68 -5.72
N GLN A 216 14.67 -2.31 -6.42
CA GLN A 216 14.38 -3.77 -6.26
C GLN A 216 15.60 -4.56 -6.76
N ARG A 217 16.18 -4.17 -7.87
CA ARG A 217 17.43 -4.82 -8.39
C ARG A 217 18.61 -4.65 -7.43
N ILE A 218 18.80 -3.46 -6.87
CA ILE A 218 19.90 -3.22 -5.90
C ILE A 218 19.71 -4.16 -4.68
N GLN A 219 18.47 -4.25 -4.18
CA GLN A 219 18.10 -5.00 -2.98
C GLN A 219 18.38 -6.48 -3.25
N ARG A 220 18.11 -6.97 -4.45
CA ARG A 220 18.23 -8.43 -4.76
C ARG A 220 19.69 -8.83 -5.10
N ALA A 221 20.51 -7.93 -5.61
CA ALA A 221 21.95 -8.21 -5.97
C ALA A 221 22.77 -8.57 -4.73
N HIS A 222 23.76 -9.45 -4.88
CA HIS A 222 24.65 -9.80 -3.74
C HIS A 222 25.51 -8.58 -3.38
N VAL A 223 25.82 -7.75 -4.35
CA VAL A 223 26.84 -6.67 -4.21
C VAL A 223 26.56 -5.61 -5.26
N LEU A 224 26.75 -4.36 -4.87
CA LEU A 224 26.72 -3.20 -5.79
C LEU A 224 28.16 -2.77 -6.06
N VAL A 225 28.48 -2.61 -7.34
CA VAL A 225 29.82 -2.11 -7.81
C VAL A 225 29.61 -0.67 -8.26
N HIS A 226 30.54 0.20 -7.89
CA HIS A 226 30.49 1.62 -8.28
C HIS A 226 31.93 2.08 -8.59
N THR A 227 32.23 2.38 -9.85
CA THR A 227 33.63 2.59 -10.33
C THR A 227 33.99 4.08 -10.49
N SER A 228 33.15 5.03 -10.04
CA SER A 228 33.24 6.45 -10.48
C SER A 228 34.65 7.04 -10.24
N ALA A 229 35.08 7.95 -11.11
CA ALA A 229 36.25 8.86 -11.01
C ALA A 229 36.02 9.87 -9.90
N LEU A 230 34.77 10.29 -9.73
CA LEU A 230 34.33 11.22 -8.66
C LEU A 230 32.82 11.04 -8.41
N GLU A 231 32.39 11.46 -7.24
CA GLU A 231 30.97 11.55 -6.80
C GLU A 231 30.86 12.65 -5.75
N GLY A 232 29.76 13.39 -5.76
CA GLY A 232 29.38 14.29 -4.65
C GLY A 232 29.13 13.50 -3.37
N GLY A 233 28.51 12.34 -3.52
CA GLY A 233 28.07 11.37 -2.48
C GLY A 233 26.85 10.62 -3.08
N ALA A 234 27.10 9.49 -3.73
CA ALA A 234 26.21 8.85 -4.73
C ALA A 234 25.00 8.22 -4.04
N HIS A 235 23.83 8.50 -4.56
CA HIS A 235 22.53 7.94 -4.15
C HIS A 235 22.59 6.41 -4.24
N VAL A 236 23.20 5.87 -5.30
CA VAL A 236 23.21 4.42 -5.49
C VAL A 236 23.91 3.71 -4.33
N ILE A 237 24.97 4.29 -3.75
CA ILE A 237 25.71 3.69 -2.61
C ILE A 237 24.81 3.68 -1.39
N MET A 238 24.13 4.77 -1.07
CA MET A 238 23.09 4.79 0.03
C MET A 238 22.03 3.70 -0.16
N GLU A 239 21.50 3.62 -1.36
CA GLU A 239 20.40 2.72 -1.76
C GLU A 239 20.81 1.28 -1.47
N ALA A 240 22.02 0.90 -1.84
CA ALA A 240 22.59 -0.42 -1.52
C ALA A 240 22.71 -0.63 0.00
N VAL A 241 23.41 0.25 0.68
CA VAL A 241 23.69 0.17 2.14
C VAL A 241 22.37 0.04 2.90
N ARG A 242 21.41 0.88 2.58
CA ARG A 242 20.08 0.89 3.26
C ARG A 242 19.19 -0.25 2.80
N SER A 243 19.65 -1.12 1.88
CA SER A 243 19.01 -2.42 1.56
C SER A 243 19.78 -3.62 2.15
N GLY A 244 20.91 -3.42 2.84
CA GLY A 244 21.74 -4.54 3.33
C GLY A 244 22.50 -5.18 2.18
N THR A 245 22.67 -4.47 1.07
CA THR A 245 23.52 -4.93 -0.06
C THR A 245 24.88 -4.28 0.05
N PRO A 246 25.98 -5.05 0.23
CA PRO A 246 27.31 -4.47 0.41
C PRO A 246 27.82 -3.86 -0.92
N VAL A 247 28.88 -3.08 -0.83
CA VAL A 247 29.39 -2.29 -1.96
C VAL A 247 30.85 -2.63 -2.24
N LEU A 248 31.22 -2.63 -3.51
CA LEU A 248 32.64 -2.54 -3.97
C LEU A 248 32.82 -1.21 -4.67
N ALA A 249 33.69 -0.34 -4.18
CA ALA A 249 33.75 1.02 -4.77
C ALA A 249 35.19 1.45 -5.03
N SER A 250 35.31 2.25 -6.04
CA SER A 250 36.56 2.96 -6.41
C SER A 250 36.93 3.88 -5.25
N ARG A 251 38.20 3.94 -4.92
CA ARG A 251 38.71 4.66 -3.74
C ARG A 251 38.95 6.09 -4.19
N VAL A 252 37.87 6.83 -4.22
CA VAL A 252 37.86 8.28 -4.57
C VAL A 252 37.12 8.96 -3.43
N PRO A 253 37.40 10.26 -3.16
CA PRO A 253 36.88 10.86 -1.95
C PRO A 253 35.35 10.77 -1.76
N GLY A 254 34.56 11.04 -2.79
CA GLY A 254 33.09 10.88 -2.77
C GLY A 254 32.65 9.53 -2.27
N ASN A 255 33.37 8.48 -2.62
CA ASN A 255 32.97 7.11 -2.25
C ASN A 255 33.44 6.87 -0.81
N VAL A 256 34.67 7.28 -0.54
CA VAL A 256 35.26 7.11 0.81
C VAL A 256 34.34 7.84 1.81
N GLY A 257 33.87 9.03 1.47
CA GLY A 257 32.99 9.78 2.39
C GLY A 257 31.74 9.00 2.74
N MET A 258 31.19 8.21 1.79
CA MET A 258 29.97 7.45 2.04
C MET A 258 30.31 6.19 2.82
N LEU A 259 31.36 5.47 2.48
CA LEU A 259 31.50 4.08 3.02
C LEU A 259 32.44 4.03 4.25
N GLY A 260 33.26 5.08 4.47
CA GLY A 260 34.14 5.14 5.63
C GLY A 260 35.61 4.86 5.31
N ASN A 261 36.50 5.54 6.02
CA ASN A 261 37.97 5.40 5.83
C ASN A 261 38.42 3.95 6.06
N ASP A 262 37.74 3.19 6.88
CA ASP A 262 38.19 1.82 7.25
C ASP A 262 37.51 0.74 6.37
N TYR A 263 36.73 1.12 5.37
CA TYR A 263 35.95 0.16 4.55
C TYR A 263 36.87 -0.76 3.77
N ALA A 264 36.52 -2.06 3.74
CA ALA A 264 37.36 -3.16 3.24
C ALA A 264 36.99 -3.50 1.79
N GLY A 265 36.14 -2.74 1.14
CA GLY A 265 35.63 -3.01 -0.23
C GLY A 265 36.03 -1.98 -1.28
N TYR A 266 37.16 -1.29 -1.12
CA TYR A 266 37.65 -0.37 -2.15
C TYR A 266 38.65 -1.03 -3.08
N PHE A 267 38.66 -0.58 -4.32
CA PHE A 267 39.70 -0.85 -5.32
C PHE A 267 40.24 0.51 -5.72
N PRO A 268 41.51 0.58 -6.17
CA PRO A 268 42.05 1.81 -6.75
C PRO A 268 41.28 2.20 -7.99
N HIS A 269 41.02 3.50 -8.19
CA HIS A 269 40.31 4.00 -9.37
C HIS A 269 40.93 3.43 -10.65
N GLY A 270 40.09 2.93 -11.54
CA GLY A 270 40.48 2.44 -12.89
C GLY A 270 41.16 1.09 -12.86
N ASP A 271 41.31 0.48 -11.70
CA ASP A 271 41.97 -0.83 -11.58
C ASP A 271 40.96 -1.97 -11.77
N ALA A 272 40.71 -2.35 -13.03
CA ALA A 272 39.81 -3.48 -13.40
C ALA A 272 40.27 -4.79 -12.76
N ALA A 273 41.57 -5.09 -12.76
CA ALA A 273 42.06 -6.37 -12.20
C ALA A 273 41.72 -6.43 -10.72
N ALA A 274 41.85 -5.30 -10.03
CA ALA A 274 41.59 -5.21 -8.58
C ALA A 274 40.08 -5.46 -8.35
N LEU A 275 39.24 -4.86 -9.16
CA LEU A 275 37.76 -5.03 -9.00
C LEU A 275 37.40 -6.49 -9.30
N ALA A 276 37.96 -7.10 -10.34
CA ALA A 276 37.66 -8.52 -10.65
C ALA A 276 38.16 -9.42 -9.53
N ALA A 277 39.28 -9.10 -8.85
CA ALA A 277 39.79 -9.89 -7.71
C ALA A 277 38.81 -9.80 -6.52
N LEU A 278 38.27 -8.61 -6.24
CA LEU A 278 37.22 -8.44 -5.20
C LEU A 278 35.99 -9.32 -5.54
N LEU A 279 35.52 -9.30 -6.78
CA LEU A 279 34.35 -10.11 -7.22
C LEU A 279 34.68 -11.59 -7.04
N GLU A 280 35.89 -12.03 -7.40
CA GLU A 280 36.30 -13.43 -7.17
C GLU A 280 36.29 -13.73 -5.68
N ALA A 281 36.78 -12.83 -4.81
CA ALA A 281 36.74 -13.04 -3.34
C ALA A 281 35.28 -13.16 -2.83
N CYS A 282 34.40 -12.28 -3.28
CA CYS A 282 32.99 -12.26 -2.89
C CYS A 282 32.40 -13.65 -3.20
N ARG A 283 32.63 -14.10 -4.42
CA ARG A 283 32.15 -15.41 -4.90
C ARG A 283 32.80 -16.54 -4.10
N ALA A 284 34.12 -16.54 -3.86
CA ALA A 284 34.80 -17.62 -3.09
C ALA A 284 34.18 -17.74 -1.70
N GLY A 285 33.80 -16.63 -1.07
CA GLY A 285 33.20 -16.57 0.27
C GLY A 285 31.80 -17.19 0.39
N GLN A 286 31.01 -17.22 -0.69
CA GLN A 286 29.62 -17.73 -0.68
C GLN A 286 29.56 -19.19 -0.20
N ARG A 291 28.34 -21.25 8.78
CA ARG A 291 29.53 -20.71 8.09
C ARG A 291 29.52 -19.18 8.19
N ALA A 292 30.67 -18.53 7.94
CA ALA A 292 30.86 -17.05 7.87
C ALA A 292 32.32 -16.82 7.51
N ALA A 293 32.82 -15.57 7.65
CA ALA A 293 34.20 -15.15 7.30
C ALA A 293 34.30 -14.75 5.83
N GLY A 294 33.21 -14.86 5.05
CA GLY A 294 33.23 -14.46 3.63
C GLY A 294 33.36 -12.95 3.52
N LEU A 295 34.02 -12.47 2.47
CA LEU A 295 34.15 -11.01 2.24
C LEU A 295 32.76 -10.34 2.22
N LEU A 296 31.75 -10.92 1.53
CA LEU A 296 30.39 -10.31 1.49
C LEU A 296 29.88 -10.04 2.93
N ASP A 297 30.08 -11.00 3.83
CA ASP A 297 29.59 -10.91 5.24
C ASP A 297 30.34 -9.78 5.97
N SER A 298 31.65 -9.70 5.80
CA SER A 298 32.52 -8.63 6.38
C SER A 298 32.07 -7.27 5.87
N LEU A 299 31.84 -7.16 4.57
CA LEU A 299 31.31 -5.89 3.98
C LEU A 299 29.91 -5.56 4.46
N ARG A 300 28.97 -6.52 4.57
CA ARG A 300 27.60 -6.21 5.10
C ARG A 300 27.73 -5.68 6.54
N THR A 301 28.57 -6.27 7.36
CA THR A 301 28.84 -5.74 8.72
C THR A 301 29.28 -4.26 8.68
N GLN A 302 30.23 -3.91 7.85
CA GLN A 302 30.75 -2.52 7.75
C GLN A 302 29.65 -1.60 7.22
N CYS A 303 28.82 -2.10 6.29
CA CYS A 303 27.82 -1.25 5.61
C CYS A 303 26.71 -0.96 6.62
N ALA A 304 26.42 -1.92 7.48
CA ALA A 304 25.35 -1.83 8.48
C ALA A 304 25.71 -0.71 9.47
N LEU A 305 27.00 -0.47 9.70
CA LEU A 305 27.46 0.65 10.58
C LEU A 305 27.30 2.00 9.89
N ARG A 306 27.24 2.04 8.57
CA ARG A 306 27.03 3.26 7.77
C ARG A 306 25.56 3.59 7.57
N ALA A 307 24.65 2.61 7.58
CA ALA A 307 23.23 2.75 7.21
C ALA A 307 22.59 3.91 7.98
N PRO A 308 22.83 4.12 9.29
CA PRO A 308 22.17 5.22 9.99
C PRO A 308 22.55 6.63 9.47
N LEU A 309 23.62 6.78 8.71
CA LEU A 309 23.97 8.09 8.06
C LEU A 309 22.86 8.58 7.14
N PHE A 310 22.11 7.65 6.50
CA PHE A 310 21.20 7.89 5.37
C PHE A 310 19.76 7.80 5.86
N ASP A 311 19.54 8.14 7.14
CA ASP A 311 18.21 8.27 7.76
C ASP A 311 17.63 9.64 7.38
N PRO A 312 16.47 9.71 6.72
CA PRO A 312 15.83 10.97 6.32
C PRO A 312 15.65 11.92 7.50
N ARG A 313 15.49 11.39 8.73
CA ARG A 313 15.35 12.27 9.92
C ARG A 313 16.65 13.02 10.19
N ALA A 314 17.81 12.41 9.93
CA ALA A 314 19.14 13.00 10.06
C ALA A 314 19.31 14.10 9.00
N GLU A 315 19.16 13.75 7.73
CA GLU A 315 19.21 14.75 6.65
C GLU A 315 18.28 15.93 6.98
N GLN A 316 17.03 15.68 7.43
CA GLN A 316 16.05 16.75 7.72
C GLN A 316 16.63 17.67 8.80
N ALA A 317 17.16 17.12 9.89
CA ALA A 317 17.75 17.92 11.01
C ALA A 317 18.91 18.77 10.46
N ALA A 318 19.77 18.23 9.61
CA ALA A 318 20.89 18.98 9.02
C ALA A 318 20.33 20.12 8.14
N LEU A 319 19.24 19.88 7.44
CA LEU A 319 18.63 20.90 6.52
C LEU A 319 17.93 21.98 7.33
N PHE A 320 17.24 21.60 8.40
CA PHE A 320 16.60 22.57 9.30
C PHE A 320 17.67 23.58 9.78
N GLN A 321 18.84 23.10 10.22
CA GLN A 321 19.95 23.94 10.74
C GLN A 321 20.47 24.85 9.60
N LEU A 322 20.64 24.31 8.40
CA LEU A 322 21.16 25.08 7.26
C LEU A 322 20.19 26.25 6.98
N LEU A 323 18.89 25.97 6.94
CA LEU A 323 17.86 26.95 6.56
C LEU A 323 17.83 28.06 7.62
N ASN A 324 17.88 27.68 8.91
CA ASN A 324 17.99 28.66 10.04
C ASN A 324 19.20 29.58 9.84
N GLU A 325 20.32 29.06 9.31
CA GLU A 325 21.54 29.87 9.14
C GLU A 325 21.36 30.84 7.97
N LEU A 326 20.61 30.44 6.96
CA LEU A 326 20.42 31.22 5.70
C LEU A 326 19.31 32.25 5.88
N GLN A 327 18.35 32.05 6.77
CA GLN A 327 17.42 33.18 7.02
C GLN A 327 17.75 33.80 8.40
N ASN B 3 -38.36 -39.49 -10.14
CA ASN B 3 -37.07 -39.06 -9.49
C ASN B 3 -36.70 -37.67 -9.99
N PRO B 4 -36.09 -36.82 -9.16
CA PRO B 4 -35.84 -35.44 -9.56
C PRO B 4 -35.00 -35.33 -10.85
N SER B 5 -35.08 -34.16 -11.45
CA SER B 5 -34.20 -33.68 -12.55
C SER B 5 -33.33 -32.54 -12.00
N LEU B 6 -32.09 -32.84 -11.69
CA LEU B 6 -31.16 -31.87 -11.04
C LEU B 6 -30.33 -31.11 -12.10
N VAL B 7 -30.30 -29.80 -11.98
CA VAL B 7 -29.40 -28.97 -12.83
C VAL B 7 -28.36 -28.34 -11.88
N ILE B 8 -27.07 -28.58 -12.17
CA ILE B 8 -25.95 -28.01 -11.40
C ILE B 8 -25.38 -26.87 -12.24
N VAL B 9 -25.50 -25.66 -11.72
CA VAL B 9 -24.92 -24.43 -12.33
C VAL B 9 -23.51 -24.24 -11.81
N SER B 10 -22.51 -24.40 -12.67
CA SER B 10 -21.11 -24.15 -12.28
C SER B 10 -20.54 -23.07 -13.18
N PRO B 11 -19.90 -22.05 -12.59
CA PRO B 11 -19.26 -21.02 -13.39
C PRO B 11 -18.02 -21.49 -14.19
N ALA B 12 -17.52 -22.71 -13.98
CA ALA B 12 -16.29 -23.21 -14.68
C ALA B 12 -16.59 -23.42 -16.17
N LEU B 13 -15.66 -23.03 -17.06
CA LEU B 13 -15.60 -23.53 -18.45
C LEU B 13 -15.61 -25.07 -18.40
N PRO B 14 -16.45 -25.75 -19.21
CA PRO B 14 -16.42 -27.21 -19.30
C PRO B 14 -14.99 -27.75 -19.50
N GLY B 15 -14.64 -28.80 -18.75
CA GLY B 15 -13.32 -29.48 -18.76
C GLY B 15 -12.19 -28.63 -18.18
N ALA B 16 -12.50 -27.57 -17.41
CA ALA B 16 -11.47 -26.71 -16.76
C ALA B 16 -10.90 -27.52 -15.60
N ASN B 17 -9.63 -27.30 -15.28
CA ASN B 17 -8.95 -28.07 -14.20
C ASN B 17 -8.96 -27.17 -12.95
N ASN B 18 -10.12 -27.03 -12.29
CA ASN B 18 -10.21 -26.15 -11.11
C ASN B 18 -11.30 -26.71 -10.18
N GLY B 19 -11.41 -26.12 -9.02
CA GLY B 19 -12.36 -26.57 -7.99
C GLY B 19 -13.79 -26.60 -8.50
N ASN B 20 -14.24 -25.57 -9.22
CA ASN B 20 -15.70 -25.46 -9.49
C ASN B 20 -16.09 -26.56 -10.50
N TRP B 21 -15.22 -26.91 -11.45
CA TRP B 21 -15.56 -27.97 -12.43
C TRP B 21 -15.55 -29.30 -11.70
N ARG B 22 -14.54 -29.49 -10.83
CA ARG B 22 -14.33 -30.74 -10.09
C ARG B 22 -15.59 -30.97 -9.24
N THR B 23 -16.02 -29.96 -8.49
CA THR B 23 -17.23 -30.13 -7.61
C THR B 23 -18.42 -30.54 -8.48
N ALA B 24 -18.72 -29.75 -9.52
CA ALA B 24 -19.88 -29.99 -10.41
C ALA B 24 -19.85 -31.43 -10.94
N GLN B 25 -18.73 -31.89 -11.51
CA GLN B 25 -18.67 -33.26 -12.06
C GLN B 25 -18.80 -34.34 -10.97
N ARG B 26 -18.21 -34.14 -9.78
CA ARG B 26 -18.20 -35.16 -8.69
C ARG B 26 -19.63 -35.32 -8.14
N TRP B 27 -20.31 -34.21 -7.96
CA TRP B 27 -21.70 -34.15 -7.42
C TRP B 27 -22.63 -34.77 -8.44
N LYS B 28 -22.39 -34.51 -9.72
CA LYS B 28 -23.21 -35.13 -10.77
C LYS B 28 -23.08 -36.65 -10.63
N ALA B 29 -21.84 -37.16 -10.56
CA ALA B 29 -21.51 -38.60 -10.44
C ALA B 29 -22.15 -39.18 -9.19
N LEU B 30 -21.99 -38.54 -8.03
CA LEU B 30 -22.50 -39.07 -6.75
C LEU B 30 -24.03 -39.08 -6.73
N LEU B 31 -24.71 -38.13 -7.42
CA LEU B 31 -26.19 -38.01 -7.28
C LEU B 31 -26.92 -38.78 -8.39
N SER B 32 -26.18 -39.28 -9.37
CA SER B 32 -26.71 -40.01 -10.54
C SER B 32 -27.47 -41.28 -10.14
N PRO B 33 -27.19 -41.96 -8.99
CA PRO B 33 -28.02 -43.07 -8.56
C PRO B 33 -29.46 -42.71 -8.19
N VAL B 34 -29.74 -41.50 -7.72
CA VAL B 34 -31.10 -41.10 -7.24
C VAL B 34 -31.69 -39.95 -8.07
N CYS B 35 -31.06 -39.49 -9.13
CA CYS B 35 -31.69 -38.42 -9.96
C CYS B 35 -31.06 -38.40 -11.33
N SER B 36 -31.74 -37.73 -12.26
CA SER B 36 -31.16 -37.30 -13.54
C SER B 36 -30.44 -35.97 -13.29
N ALA B 37 -29.15 -35.90 -13.56
CA ALA B 37 -28.32 -34.70 -13.22
C ALA B 37 -27.54 -34.20 -14.43
N ARG B 38 -27.50 -32.87 -14.63
CA ARG B 38 -26.73 -32.22 -15.69
C ARG B 38 -26.02 -30.97 -15.13
N VAL B 39 -24.89 -30.63 -15.73
CA VAL B 39 -24.09 -29.42 -15.37
C VAL B 39 -24.27 -28.39 -16.49
N VAL B 40 -24.48 -27.14 -16.13
CA VAL B 40 -24.58 -26.00 -17.09
C VAL B 40 -23.76 -24.81 -16.53
N GLN B 41 -23.51 -23.83 -17.36
CA GLN B 41 -22.81 -22.59 -16.93
C GLN B 41 -23.88 -21.58 -16.50
N GLN B 42 -25.05 -21.62 -17.12
CA GLN B 42 -26.17 -20.67 -16.88
C GLN B 42 -27.51 -21.34 -17.14
N TRP B 43 -28.56 -20.75 -16.56
CA TRP B 43 -29.93 -21.28 -16.53
C TRP B 43 -30.88 -20.10 -16.67
N PRO B 44 -31.92 -20.16 -17.51
CA PRO B 44 -32.33 -21.38 -18.19
C PRO B 44 -31.60 -21.60 -19.52
N ASP B 45 -31.87 -22.74 -20.15
CA ASP B 45 -31.44 -23.08 -21.52
C ASP B 45 -32.59 -23.83 -22.17
N ALA B 46 -32.33 -24.50 -23.28
CA ALA B 46 -33.37 -25.20 -24.08
C ALA B 46 -33.99 -26.35 -23.29
N ASP B 47 -33.25 -26.90 -22.34
CA ASP B 47 -33.68 -28.10 -21.56
C ASP B 47 -34.26 -27.73 -20.19
N ALA B 48 -34.47 -26.44 -19.90
CA ALA B 48 -34.69 -25.96 -18.52
C ALA B 48 -36.07 -26.41 -17.99
N SER B 49 -37.04 -26.69 -18.87
CA SER B 49 -38.47 -26.97 -18.49
C SER B 49 -38.57 -28.21 -17.59
N ALA B 50 -37.79 -29.25 -17.88
CA ALA B 50 -37.76 -30.56 -17.21
C ALA B 50 -37.00 -30.51 -15.88
N ASP B 51 -36.21 -29.47 -15.61
CA ASP B 51 -35.44 -29.32 -14.34
C ASP B 51 -36.40 -29.16 -13.16
N THR B 52 -36.17 -29.86 -12.04
CA THR B 52 -36.99 -29.71 -10.81
C THR B 52 -36.18 -29.21 -9.59
N VAL B 53 -34.87 -29.42 -9.54
CA VAL B 53 -34.01 -28.96 -8.43
C VAL B 53 -32.80 -28.31 -9.06
N MET B 54 -32.33 -27.23 -8.46
CA MET B 54 -31.09 -26.54 -8.90
C MET B 54 -30.12 -26.54 -7.73
N LEU B 55 -28.86 -26.84 -8.01
CA LEU B 55 -27.73 -26.53 -7.11
C LEU B 55 -26.79 -25.61 -7.86
N ALA B 56 -26.70 -24.37 -7.39
CA ALA B 56 -25.93 -23.33 -8.08
C ALA B 56 -24.68 -23.04 -7.24
N LEU B 57 -23.51 -23.17 -7.86
CA LEU B 57 -22.22 -22.77 -7.24
C LEU B 57 -21.96 -21.28 -7.39
N HIS B 58 -21.60 -20.63 -6.27
CA HIS B 58 -21.14 -19.25 -6.09
C HIS B 58 -22.32 -18.28 -6.12
N ALA B 59 -22.59 -17.65 -4.99
CA ALA B 59 -23.77 -16.77 -4.75
C ALA B 59 -23.74 -15.54 -5.68
N ARG B 60 -22.55 -15.06 -6.03
CA ARG B 60 -22.37 -13.87 -6.90
C ARG B 60 -22.26 -14.31 -8.36
N ARG B 61 -21.35 -15.21 -8.67
CA ARG B 61 -21.03 -15.53 -10.08
C ARG B 61 -22.23 -16.20 -10.73
N SER B 62 -23.01 -17.01 -10.02
CA SER B 62 -24.23 -17.63 -10.58
C SER B 62 -25.47 -16.83 -10.21
N ALA B 63 -25.34 -15.63 -9.66
CA ALA B 63 -26.50 -14.88 -9.10
C ALA B 63 -27.64 -14.76 -10.14
N GLU B 64 -27.34 -14.65 -11.44
CA GLU B 64 -28.36 -14.40 -12.49
C GLU B 64 -29.20 -15.67 -12.69
N SER B 65 -28.54 -16.83 -12.76
CA SER B 65 -29.26 -18.13 -12.91
C SER B 65 -30.06 -18.45 -11.65
N ILE B 66 -29.50 -18.11 -10.49
CA ILE B 66 -30.14 -18.31 -9.15
C ILE B 66 -31.46 -17.51 -9.13
N ALA B 67 -31.42 -16.24 -9.53
CA ALA B 67 -32.63 -15.37 -9.61
C ALA B 67 -33.62 -15.88 -10.67
N HIS B 68 -33.12 -16.28 -11.82
CA HIS B 68 -33.99 -16.92 -12.85
C HIS B 68 -34.75 -18.12 -12.25
N TRP B 69 -34.05 -19.02 -11.57
CA TRP B 69 -34.70 -20.22 -10.94
C TRP B 69 -35.69 -19.75 -9.85
N ALA B 70 -35.31 -18.87 -8.93
CA ALA B 70 -36.20 -18.41 -7.84
C ALA B 70 -37.50 -17.84 -8.43
N HIS B 71 -37.40 -17.01 -9.48
CA HIS B 71 -38.55 -16.32 -10.13
C HIS B 71 -39.41 -17.39 -10.83
N ALA B 72 -38.81 -18.44 -11.41
CA ALA B 72 -39.52 -19.50 -12.14
C ALA B 72 -40.06 -20.58 -11.19
N HIS B 73 -39.57 -20.63 -9.94
CA HIS B 73 -39.92 -21.67 -8.94
C HIS B 73 -39.94 -21.07 -7.54
N PRO B 74 -40.79 -20.06 -7.26
CA PRO B 74 -40.73 -19.35 -6.00
C PRO B 74 -40.98 -20.34 -4.84
N GLY B 75 -40.11 -20.29 -3.82
CA GLY B 75 -40.16 -21.14 -2.63
C GLY B 75 -39.76 -22.59 -2.84
N ARG B 76 -39.26 -23.00 -4.00
CA ARG B 76 -39.02 -24.44 -4.28
C ARG B 76 -37.68 -24.71 -4.96
N GLY B 77 -36.98 -25.77 -4.51
CA GLY B 77 -35.94 -26.51 -5.27
C GLY B 77 -34.58 -25.80 -5.41
N LEU B 78 -34.33 -24.69 -4.71
CA LEU B 78 -33.06 -23.91 -4.91
C LEU B 78 -32.06 -24.15 -3.76
N GLY B 79 -30.90 -24.72 -4.08
CA GLY B 79 -29.71 -24.81 -3.23
C GLY B 79 -28.58 -23.98 -3.79
N VAL B 80 -28.08 -23.05 -3.00
CA VAL B 80 -26.96 -22.16 -3.39
C VAL B 80 -25.74 -22.66 -2.61
N VAL B 81 -24.67 -22.86 -3.33
CA VAL B 81 -23.40 -23.43 -2.79
C VAL B 81 -22.37 -22.30 -2.68
N LEU B 82 -21.93 -22.04 -1.46
CA LEU B 82 -20.99 -20.99 -1.06
C LEU B 82 -19.59 -21.60 -1.29
N THR B 83 -19.01 -21.28 -2.43
CA THR B 83 -17.70 -21.86 -2.86
C THR B 83 -16.49 -21.07 -2.35
N GLY B 84 -16.66 -19.84 -1.80
CA GLY B 84 -15.57 -19.13 -1.06
C GLY B 84 -15.59 -17.60 -1.12
N THR B 85 -15.27 -16.98 -2.25
CA THR B 85 -15.26 -15.50 -2.36
C THR B 85 -16.67 -14.94 -2.09
N ASP B 86 -17.74 -15.70 -2.40
CA ASP B 86 -19.12 -15.29 -2.00
C ASP B 86 -19.25 -15.20 -0.49
N LEU B 87 -18.93 -16.29 0.20
CA LEU B 87 -19.15 -16.43 1.67
C LEU B 87 -18.22 -15.47 2.44
N TYR B 88 -16.95 -15.37 2.05
CA TYR B 88 -15.86 -14.74 2.82
C TYR B 88 -15.54 -13.36 2.25
N GLN B 89 -16.22 -12.88 1.20
CA GLN B 89 -16.02 -11.51 0.65
C GLN B 89 -17.34 -10.83 0.25
N ASP B 90 -18.06 -11.42 -0.70
CA ASP B 90 -19.07 -10.73 -1.55
C ASP B 90 -20.38 -10.52 -0.78
N ILE B 91 -20.74 -11.43 0.13
CA ILE B 91 -22.04 -11.31 0.85
C ILE B 91 -22.00 -10.18 1.89
N GLY B 92 -20.82 -9.77 2.36
CA GLY B 92 -20.64 -8.58 3.21
C GLY B 92 -21.28 -7.32 2.62
N SER B 93 -21.13 -7.11 1.31
CA SER B 93 -21.47 -5.84 0.59
C SER B 93 -22.38 -6.08 -0.63
N ASP B 94 -22.12 -7.10 -1.44
CA ASP B 94 -22.66 -7.28 -2.81
C ASP B 94 -24.15 -7.66 -2.81
N PRO B 95 -25.00 -6.93 -3.59
CA PRO B 95 -26.44 -7.14 -3.56
C PRO B 95 -26.86 -8.41 -4.30
N GLN B 96 -26.16 -8.77 -5.38
CA GLN B 96 -26.40 -10.07 -6.08
C GLN B 96 -26.21 -11.22 -5.09
N ALA B 97 -25.06 -11.28 -4.39
CA ALA B 97 -24.75 -12.33 -3.41
C ALA B 97 -25.79 -12.30 -2.28
N GLN B 98 -26.18 -11.11 -1.82
CA GLN B 98 -27.18 -11.03 -0.73
C GLN B 98 -28.52 -11.59 -1.17
N ARG B 99 -28.94 -11.33 -2.41
CA ARG B 99 -30.23 -11.76 -2.99
C ARG B 99 -30.21 -13.29 -3.10
N SER B 100 -29.10 -13.87 -3.57
CA SER B 100 -28.95 -15.33 -3.73
C SER B 100 -29.19 -16.02 -2.36
N LEU B 101 -28.65 -15.44 -1.29
CA LEU B 101 -28.75 -15.99 0.08
C LEU B 101 -30.23 -15.94 0.49
N GLN B 102 -30.90 -14.82 0.18
CA GLN B 102 -32.36 -14.66 0.53
C GLN B 102 -33.22 -15.68 -0.22
N LEU B 103 -32.94 -15.91 -1.49
CA LEU B 103 -33.82 -16.67 -2.41
C LEU B 103 -33.69 -18.17 -2.16
N ALA B 104 -32.52 -18.65 -1.72
CA ALA B 104 -32.22 -20.09 -1.62
C ALA B 104 -33.17 -20.78 -0.63
N GLN B 105 -33.61 -21.99 -0.98
CA GLN B 105 -34.30 -22.88 0.00
C GLN B 105 -33.22 -23.38 0.97
N ARG B 106 -32.03 -23.76 0.45
CA ARG B 106 -30.93 -24.27 1.29
C ARG B 106 -29.62 -23.64 0.85
N LEU B 107 -28.77 -23.40 1.82
CA LEU B 107 -27.41 -22.90 1.57
C LEU B 107 -26.46 -24.03 1.91
N VAL B 108 -25.49 -24.28 1.02
CA VAL B 108 -24.48 -25.34 1.28
C VAL B 108 -23.15 -24.64 1.55
N VAL B 109 -22.50 -25.00 2.64
CA VAL B 109 -21.10 -24.62 2.93
C VAL B 109 -20.27 -25.90 2.92
N LEU B 110 -18.99 -25.77 2.60
CA LEU B 110 -18.12 -26.93 2.31
C LEU B 110 -17.22 -27.33 3.49
N GLN B 111 -17.39 -26.74 4.68
CA GLN B 111 -16.79 -27.27 5.92
C GLN B 111 -17.59 -26.75 7.11
N ALA B 112 -17.28 -27.22 8.32
CA ALA B 112 -18.05 -27.05 9.57
C ALA B 112 -18.24 -25.57 9.93
N LEU B 113 -17.29 -24.69 9.63
CA LEU B 113 -17.30 -23.28 10.12
C LEU B 113 -18.09 -22.37 9.18
N GLY B 114 -18.58 -22.86 8.02
CA GLY B 114 -19.08 -21.98 6.95
C GLY B 114 -20.26 -21.15 7.41
N ALA B 115 -21.18 -21.73 8.20
CA ALA B 115 -22.39 -20.98 8.62
C ALA B 115 -22.02 -19.81 9.54
N GLU B 116 -20.87 -19.84 10.22
CA GLU B 116 -20.46 -18.69 11.10
C GLU B 116 -20.38 -17.38 10.28
N ALA B 117 -20.15 -17.44 8.96
CA ALA B 117 -19.92 -16.30 8.04
C ALA B 117 -21.26 -15.83 7.43
N LEU B 118 -22.35 -16.59 7.64
CA LEU B 118 -23.69 -16.26 7.11
C LEU B 118 -24.39 -15.33 8.09
N PRO B 119 -25.30 -14.47 7.62
CA PRO B 119 -26.23 -13.78 8.52
C PRO B 119 -27.01 -14.80 9.36
N PRO B 120 -27.27 -14.51 10.66
CA PRO B 120 -27.94 -15.47 11.53
C PRO B 120 -29.28 -15.91 10.95
N GLU B 121 -29.93 -15.06 10.13
CA GLU B 121 -31.27 -15.40 9.58
C GLU B 121 -31.14 -16.43 8.46
N CYS B 122 -29.92 -16.74 8.02
CA CYS B 122 -29.63 -17.71 6.95
C CYS B 122 -29.09 -19.03 7.54
N ARG B 123 -28.87 -19.12 8.84
CA ARG B 123 -28.17 -20.30 9.43
C ARG B 123 -29.11 -21.51 9.51
N ALA B 124 -30.41 -21.35 9.76
CA ALA B 124 -31.36 -22.48 9.85
C ALA B 124 -31.41 -23.31 8.55
N LYS B 125 -31.25 -22.67 7.38
CA LYS B 125 -31.35 -23.36 6.08
C LYS B 125 -29.96 -23.72 5.54
N ALA B 126 -28.90 -23.47 6.32
CA ALA B 126 -27.53 -23.83 5.88
C ALA B 126 -27.27 -25.33 6.17
N ARG B 127 -26.49 -25.99 5.30
CA ARG B 127 -26.19 -27.42 5.37
C ARG B 127 -24.69 -27.55 5.08
N VAL B 128 -23.97 -28.34 5.87
CA VAL B 128 -22.53 -28.63 5.56
C VAL B 128 -22.47 -29.83 4.64
N VAL B 129 -21.65 -29.69 3.60
CA VAL B 129 -21.30 -30.80 2.70
C VAL B 129 -19.77 -30.70 2.52
N TYR B 130 -19.05 -31.41 3.38
CA TYR B 130 -17.60 -31.70 3.21
C TYR B 130 -17.45 -32.37 1.87
N GLN B 131 -16.44 -31.93 1.12
CA GLN B 131 -16.17 -32.53 -0.18
C GLN B 131 -15.34 -33.80 0.03
N SER B 132 -15.14 -34.50 -1.05
CA SER B 132 -14.46 -35.81 -1.02
C SER B 132 -13.45 -35.87 -2.15
N THR B 133 -12.56 -36.85 -2.05
CA THR B 133 -11.54 -37.14 -3.06
C THR B 133 -11.11 -38.59 -2.86
N SER B 134 -10.63 -39.21 -3.95
CA SER B 134 -9.98 -40.53 -3.95
C SER B 134 -8.68 -40.46 -3.14
N ALA B 135 -8.36 -41.54 -2.43
CA ALA B 135 -7.13 -41.65 -1.65
C ALA B 135 -5.94 -41.94 -2.57
N ARG B 136 -4.74 -41.63 -2.08
CA ARG B 136 -3.47 -42.20 -2.59
C ARG B 136 -2.74 -42.85 -1.44
N ALA B 137 -1.97 -43.90 -1.75
CA ALA B 137 -1.20 -44.64 -0.74
C ALA B 137 -0.20 -43.67 -0.13
N GLU B 138 -0.06 -43.68 1.18
CA GLU B 138 0.93 -42.81 1.84
C GLU B 138 2.31 -43.40 1.49
N LEU B 139 3.18 -42.56 0.90
CA LEU B 139 4.57 -42.91 0.49
C LEU B 139 5.48 -42.69 1.69
N PRO B 140 6.31 -43.68 2.01
CA PRO B 140 7.46 -43.44 2.87
C PRO B 140 8.39 -42.41 2.20
N LYS B 141 8.91 -41.46 2.98
CA LYS B 141 9.69 -40.33 2.41
C LYS B 141 11.10 -40.29 3.01
N SER B 142 11.99 -39.58 2.32
CA SER B 142 13.41 -39.47 2.69
C SER B 142 13.62 -38.36 3.71
N ALA B 143 14.59 -38.52 4.62
CA ALA B 143 14.89 -37.49 5.66
C ALA B 143 16.00 -36.54 5.22
N ARG B 144 16.56 -36.66 4.01
CA ARG B 144 17.74 -35.87 3.58
C ARG B 144 17.34 -34.47 3.09
N GLN B 145 16.08 -34.25 2.74
CA GLN B 145 15.63 -32.93 2.23
C GLN B 145 14.15 -32.75 2.59
N LEU B 146 13.70 -31.50 2.75
CA LEU B 146 12.23 -31.19 2.85
C LEU B 146 11.75 -30.65 1.49
N ARG B 147 10.82 -31.34 0.82
CA ARG B 147 10.17 -30.82 -0.38
C ARG B 147 8.71 -30.47 -0.06
N ALA B 148 8.41 -29.18 -0.16
CA ALA B 148 7.05 -28.62 -0.02
C ALA B 148 6.48 -28.46 -1.42
N VAL B 149 5.18 -28.58 -1.52
CA VAL B 149 4.40 -28.26 -2.73
C VAL B 149 3.23 -27.35 -2.36
N MET B 150 2.95 -26.37 -3.21
CA MET B 150 1.70 -25.60 -3.11
C MET B 150 0.99 -25.68 -4.46
N VAL B 151 -0.32 -25.81 -4.42
CA VAL B 151 -1.13 -25.98 -5.65
C VAL B 151 -2.26 -24.96 -5.69
N GLY B 152 -2.23 -24.14 -6.71
CA GLY B 152 -3.32 -23.23 -6.98
C GLY B 152 -3.01 -22.34 -8.15
N HIS B 153 -3.94 -22.22 -9.08
CA HIS B 153 -3.82 -21.25 -10.19
C HIS B 153 -3.51 -19.89 -9.57
N LEU B 154 -2.55 -19.15 -10.13
CA LEU B 154 -2.09 -17.91 -9.48
C LEU B 154 -3.18 -16.84 -9.61
N ARG B 155 -3.99 -16.64 -8.58
CA ARG B 155 -4.85 -15.44 -8.44
C ARG B 155 -4.64 -14.92 -7.01
N GLN B 156 -5.03 -13.66 -6.75
CA GLN B 156 -4.67 -13.01 -5.47
C GLN B 156 -5.35 -13.74 -4.32
N VAL B 157 -6.56 -14.31 -4.53
CA VAL B 157 -7.28 -14.99 -3.41
C VAL B 157 -6.41 -16.13 -2.85
N LYS B 158 -5.44 -16.63 -3.65
CA LYS B 158 -4.55 -17.73 -3.17
C LYS B 158 -3.35 -17.16 -2.40
N SER B 159 -3.17 -15.83 -2.39
CA SER B 159 -2.07 -15.14 -1.68
C SER B 159 -0.74 -15.83 -2.03
N PRO B 160 -0.40 -16.05 -3.31
CA PRO B 160 0.89 -16.69 -3.65
C PRO B 160 2.12 -15.89 -3.19
N GLN B 161 1.96 -14.60 -2.89
CA GLN B 161 3.08 -13.76 -2.37
C GLN B 161 3.55 -14.28 -1.01
N THR B 162 2.69 -14.90 -0.22
CA THR B 162 3.12 -15.44 1.08
C THR B 162 4.19 -16.52 0.87
N LEU B 163 3.95 -17.39 -0.11
CA LEU B 163 4.89 -18.47 -0.45
C LEU B 163 6.14 -17.83 -1.06
N PHE B 164 5.96 -16.89 -1.97
CA PHE B 164 7.10 -16.17 -2.60
C PHE B 164 7.99 -15.60 -1.49
N ASP B 165 7.41 -14.91 -0.50
CA ASP B 165 8.16 -14.25 0.61
C ASP B 165 8.81 -15.30 1.51
N ALA B 166 8.14 -16.44 1.77
CA ALA B 166 8.65 -17.49 2.66
C ALA B 166 9.83 -18.16 1.95
N ALA B 167 9.70 -18.40 0.65
CA ALA B 167 10.79 -18.98 -0.17
C ALA B 167 12.00 -18.05 -0.17
N ARG B 168 11.80 -16.74 -0.25
CA ARG B 168 12.94 -15.80 -0.24
C ARG B 168 13.59 -15.83 1.13
N LEU B 169 12.80 -15.91 2.21
CA LEU B 169 13.35 -16.05 3.60
C LEU B 169 14.23 -17.29 3.68
N LEU B 170 13.98 -18.30 2.85
CA LEU B 170 14.77 -19.55 2.85
C LEU B 170 15.65 -19.65 1.60
N CYS B 171 16.04 -18.53 1.00
CA CYS B 171 16.73 -18.44 -0.32
C CYS B 171 18.03 -19.26 -0.30
N GLY B 172 18.76 -19.34 0.81
CA GLY B 172 20.01 -20.12 0.87
C GLY B 172 19.94 -21.42 1.64
N ARG B 173 18.74 -21.95 1.90
CA ARG B 173 18.55 -23.32 2.47
C ARG B 173 18.51 -24.31 1.34
N GLU B 174 19.63 -24.95 1.00
CA GLU B 174 19.65 -25.94 -0.09
C GLU B 174 18.87 -27.20 0.31
N ASP B 175 18.62 -27.38 1.60
CA ASP B 175 17.98 -28.60 2.16
C ASP B 175 16.44 -28.46 2.17
N ILE B 176 15.89 -27.33 1.71
CA ILE B 176 14.42 -27.09 1.62
C ILE B 176 14.13 -26.71 0.16
N ARG B 177 13.24 -27.47 -0.48
CA ARG B 177 12.74 -27.21 -1.85
C ARG B 177 11.25 -26.86 -1.80
N ILE B 178 10.84 -25.91 -2.63
CA ILE B 178 9.43 -25.48 -2.80
C ILE B 178 9.05 -25.57 -4.26
N ASP B 179 8.08 -26.43 -4.57
CA ASP B 179 7.48 -26.59 -5.92
C ASP B 179 6.08 -25.95 -5.90
N HIS B 180 5.80 -25.12 -6.91
CA HIS B 180 4.55 -24.32 -6.99
C HIS B 180 3.84 -24.70 -8.27
N ILE B 181 2.67 -25.33 -8.13
CA ILE B 181 1.84 -25.76 -9.28
C ILE B 181 0.68 -24.77 -9.44
N GLY B 182 0.50 -24.30 -10.68
CA GLY B 182 -0.64 -23.51 -11.14
C GLY B 182 -0.30 -22.59 -12.31
N ASP B 183 -1.32 -22.27 -13.07
CA ASP B 183 -1.31 -21.41 -14.26
C ASP B 183 -1.01 -19.97 -13.83
N ALA B 184 -0.42 -19.14 -14.70
CA ALA B 184 -0.33 -17.71 -14.45
C ALA B 184 -1.79 -17.26 -14.42
N GLY B 185 -2.09 -16.08 -13.90
CA GLY B 185 -3.52 -15.73 -13.78
C GLY B 185 -3.70 -14.25 -13.65
N ASP B 186 -3.74 -13.75 -12.41
CA ASP B 186 -3.86 -12.29 -12.15
C ASP B 186 -2.55 -11.67 -12.60
N ALA B 187 -2.65 -10.49 -13.21
CA ALA B 187 -1.52 -9.77 -13.81
C ALA B 187 -0.36 -9.88 -12.81
N GLY B 188 0.78 -10.36 -13.29
CA GLY B 188 2.08 -10.15 -12.61
C GLY B 188 2.46 -11.33 -11.75
N LEU B 189 1.50 -12.11 -11.28
CA LEU B 189 1.85 -13.18 -10.30
C LEU B 189 2.89 -14.10 -10.94
N GLY B 190 2.63 -14.57 -12.15
CA GLY B 190 3.55 -15.43 -12.91
C GLY B 190 4.92 -14.77 -13.05
N GLU B 191 4.97 -13.46 -13.22
CA GLU B 191 6.23 -12.71 -13.41
C GLU B 191 7.01 -12.75 -12.10
N LEU B 192 6.33 -12.57 -10.98
CA LEU B 192 6.96 -12.61 -9.61
C LEU B 192 7.56 -13.99 -9.32
N ALA B 193 6.80 -15.02 -9.66
CA ALA B 193 7.17 -16.45 -9.57
C ALA B 193 8.44 -16.70 -10.38
N ARG B 194 8.43 -16.29 -11.65
CA ARG B 194 9.59 -16.41 -12.59
C ARG B 194 10.83 -15.74 -11.99
N ALA B 195 10.70 -14.52 -11.48
CA ALA B 195 11.83 -13.71 -10.96
C ALA B 195 12.36 -14.36 -9.69
N LEU B 196 11.45 -14.96 -8.90
CA LEU B 196 11.83 -15.66 -7.63
C LEU B 196 12.67 -16.89 -7.96
N ALA B 197 12.22 -17.68 -8.92
CA ALA B 197 12.83 -18.99 -9.23
C ALA B 197 14.27 -18.72 -9.74
N SER B 198 14.53 -17.57 -10.33
CA SER B 198 15.89 -17.16 -10.78
C SER B 198 16.75 -16.77 -9.58
N ASP B 199 16.18 -16.17 -8.54
CA ASP B 199 17.04 -15.66 -7.43
C ASP B 199 17.27 -16.77 -6.42
N CYS B 200 16.28 -17.67 -6.28
CA CYS B 200 16.17 -18.65 -5.17
C CYS B 200 15.94 -20.03 -5.78
N PRO B 201 17.01 -20.78 -6.14
CA PRO B 201 16.88 -21.98 -6.96
C PRO B 201 16.16 -23.16 -6.27
N GLY B 202 15.95 -23.05 -4.96
CA GLY B 202 15.11 -23.95 -4.14
C GLY B 202 13.62 -23.81 -4.48
N TYR B 203 13.20 -22.69 -5.07
CA TYR B 203 11.82 -22.43 -5.49
C TYR B 203 11.69 -22.71 -6.98
N ARG B 204 10.70 -23.53 -7.37
CA ARG B 204 10.34 -23.69 -8.80
C ARG B 204 8.85 -23.46 -8.98
N TRP B 205 8.49 -22.72 -10.02
CA TRP B 205 7.08 -22.56 -10.46
C TRP B 205 6.87 -23.47 -11.66
N LEU B 206 6.04 -24.49 -11.54
CA LEU B 206 5.94 -25.51 -12.64
C LEU B 206 4.85 -25.16 -13.65
N GLY B 207 4.15 -24.04 -13.50
CA GLY B 207 2.93 -23.74 -14.25
C GLY B 207 1.80 -24.72 -13.95
N ALA B 208 0.76 -24.73 -14.80
CA ALA B 208 -0.42 -25.61 -14.57
C ALA B 208 -0.01 -27.04 -14.94
N LEU B 209 -0.47 -28.03 -14.18
CA LEU B 209 -0.22 -29.46 -14.50
C LEU B 209 -1.55 -30.17 -14.54
N PRO B 210 -1.67 -31.23 -15.36
CA PRO B 210 -2.88 -32.07 -15.36
C PRO B 210 -3.11 -32.65 -13.96
N HIS B 211 -4.36 -32.91 -13.65
CA HIS B 211 -4.80 -33.30 -12.29
C HIS B 211 -4.12 -34.59 -11.83
N ALA B 212 -3.90 -35.63 -12.67
CA ALA B 212 -3.25 -36.88 -12.21
C ALA B 212 -1.80 -36.58 -11.76
N GLN B 213 -1.05 -35.77 -12.49
CA GLN B 213 0.35 -35.41 -12.16
C GLN B 213 0.38 -34.55 -10.90
N THR B 214 -0.59 -33.65 -10.75
CA THR B 214 -0.70 -32.81 -9.54
C THR B 214 -0.87 -33.70 -8.31
N ARG B 215 -1.78 -34.70 -8.38
CA ARG B 215 -2.08 -35.62 -7.27
C ARG B 215 -0.81 -36.40 -6.93
N GLN B 216 -0.08 -36.85 -7.93
CA GLN B 216 1.23 -37.54 -7.70
C GLN B 216 2.21 -36.62 -6.95
N ARG B 217 2.36 -35.37 -7.34
CA ARG B 217 3.33 -34.42 -6.75
C ARG B 217 2.93 -34.11 -5.31
N ILE B 218 1.62 -34.01 -5.05
CA ILE B 218 1.11 -33.82 -3.67
C ILE B 218 1.47 -35.04 -2.83
N GLN B 219 1.21 -36.24 -3.36
CA GLN B 219 1.48 -37.52 -2.66
C GLN B 219 2.97 -37.65 -2.35
N ARG B 220 3.85 -37.19 -3.25
CA ARG B 220 5.29 -37.43 -3.15
C ARG B 220 5.92 -36.39 -2.24
N ALA B 221 5.34 -35.18 -2.20
CA ALA B 221 5.85 -34.05 -1.38
C ALA B 221 5.83 -34.40 0.10
N HIS B 222 6.75 -33.83 0.91
CA HIS B 222 6.75 -34.00 2.40
C HIS B 222 5.56 -33.29 3.00
N VAL B 223 5.24 -32.14 2.43
CA VAL B 223 4.23 -31.22 3.01
C VAL B 223 3.57 -30.45 1.88
N LEU B 224 2.28 -30.16 2.03
CA LEU B 224 1.55 -29.21 1.15
C LEU B 224 1.46 -27.86 1.85
N VAL B 225 1.79 -26.77 1.17
CA VAL B 225 1.64 -25.41 1.76
C VAL B 225 0.45 -24.77 1.06
N HIS B 226 -0.42 -24.07 1.79
CA HIS B 226 -1.63 -23.44 1.25
C HIS B 226 -1.83 -22.12 2.02
N THR B 227 -1.76 -21.00 1.31
CA THR B 227 -1.59 -19.62 1.89
C THR B 227 -2.85 -18.76 1.70
N SER B 228 -3.93 -19.30 1.16
CA SER B 228 -5.12 -18.55 0.66
C SER B 228 -5.66 -17.60 1.72
N ALA B 229 -6.12 -16.45 1.24
CA ALA B 229 -6.83 -15.41 2.03
C ALA B 229 -8.18 -15.95 2.47
N LEU B 230 -8.80 -16.76 1.62
CA LEU B 230 -10.05 -17.48 1.96
C LEU B 230 -10.20 -18.72 1.07
N GLU B 231 -11.03 -19.65 1.51
CA GLU B 231 -11.34 -20.89 0.78
C GLU B 231 -12.77 -21.29 1.19
N GLY B 232 -13.61 -21.70 0.25
CA GLY B 232 -14.84 -22.40 0.62
C GLY B 232 -14.53 -23.67 1.39
N GLY B 233 -13.50 -24.37 0.95
CA GLY B 233 -13.07 -25.67 1.48
C GLY B 233 -12.27 -26.36 0.40
N ALA B 234 -10.96 -26.12 0.40
CA ALA B 234 -10.03 -26.36 -0.74
C ALA B 234 -9.81 -27.84 -1.04
N HIS B 235 -9.99 -28.18 -2.30
CA HIS B 235 -9.68 -29.53 -2.84
C HIS B 235 -8.23 -29.87 -2.46
N VAL B 236 -7.26 -28.96 -2.65
CA VAL B 236 -5.81 -29.35 -2.53
C VAL B 236 -5.51 -29.82 -1.10
N ILE B 237 -6.23 -29.33 -0.09
CA ILE B 237 -6.02 -29.77 1.31
C ILE B 237 -6.55 -31.19 1.49
N MET B 238 -7.73 -31.51 0.93
CA MET B 238 -8.32 -32.89 0.97
C MET B 238 -7.36 -33.84 0.25
N GLU B 239 -6.84 -33.39 -0.90
CA GLU B 239 -5.95 -34.22 -1.75
C GLU B 239 -4.68 -34.65 -0.99
N ALA B 240 -4.07 -33.72 -0.27
CA ALA B 240 -2.87 -33.93 0.56
C ALA B 240 -3.25 -34.86 1.71
N VAL B 241 -4.27 -34.55 2.48
CA VAL B 241 -4.66 -35.37 3.65
C VAL B 241 -5.00 -36.80 3.22
N ARG B 242 -5.67 -36.96 2.08
CA ARG B 242 -6.11 -38.30 1.60
C ARG B 242 -4.97 -39.04 0.89
N SER B 243 -3.79 -38.43 0.80
CA SER B 243 -2.54 -39.12 0.37
C SER B 243 -1.61 -39.39 1.53
N GLY B 244 -1.92 -38.94 2.75
CA GLY B 244 -1.02 -38.99 3.92
C GLY B 244 0.05 -37.89 3.84
N THR B 245 -0.17 -36.85 3.03
CA THR B 245 0.72 -35.66 2.96
C THR B 245 0.19 -34.60 3.93
N PRO B 246 0.96 -34.20 4.97
CA PRO B 246 0.46 -33.19 5.87
C PRO B 246 0.47 -31.80 5.26
N VAL B 247 -0.16 -30.85 5.98
CA VAL B 247 -0.40 -29.48 5.46
C VAL B 247 0.11 -28.41 6.42
N LEU B 248 0.62 -27.36 5.85
CA LEU B 248 0.78 -26.06 6.54
C LEU B 248 -0.18 -25.10 5.87
N ALA B 249 -1.03 -24.42 6.65
CA ALA B 249 -2.13 -23.61 6.09
C ALA B 249 -2.24 -22.28 6.83
N SER B 250 -2.60 -21.24 6.10
CA SER B 250 -2.98 -19.92 6.62
C SER B 250 -4.24 -20.16 7.46
N ARG B 251 -4.26 -19.55 8.65
CA ARG B 251 -5.36 -19.63 9.64
C ARG B 251 -6.49 -18.73 9.16
N VAL B 252 -7.24 -19.22 8.17
CA VAL B 252 -8.50 -18.57 7.70
C VAL B 252 -9.57 -19.64 7.87
N PRO B 253 -10.85 -19.26 8.09
CA PRO B 253 -11.90 -20.23 8.40
C PRO B 253 -12.06 -21.41 7.42
N GLY B 254 -11.97 -21.17 6.11
CA GLY B 254 -12.05 -22.22 5.07
C GLY B 254 -11.04 -23.33 5.25
N ASN B 255 -9.89 -22.96 5.78
CA ASN B 255 -8.77 -23.88 6.00
C ASN B 255 -9.01 -24.58 7.34
N VAL B 256 -9.26 -23.82 8.41
CA VAL B 256 -9.49 -24.36 9.76
C VAL B 256 -10.67 -25.34 9.71
N GLY B 257 -11.69 -25.10 8.89
CA GLY B 257 -12.83 -26.06 8.74
C GLY B 257 -12.38 -27.38 8.17
N MET B 258 -11.38 -27.36 7.32
CA MET B 258 -10.81 -28.59 6.72
C MET B 258 -9.92 -29.33 7.71
N LEU B 259 -9.01 -28.65 8.43
CA LEU B 259 -7.90 -29.33 9.13
C LEU B 259 -8.19 -29.45 10.64
N GLY B 260 -9.14 -28.70 11.17
CA GLY B 260 -9.62 -28.86 12.57
C GLY B 260 -9.11 -27.75 13.48
N ASN B 261 -9.83 -27.45 14.55
CA ASN B 261 -9.52 -26.29 15.45
C ASN B 261 -8.22 -26.50 16.21
N ASP B 262 -7.81 -27.74 16.41
CA ASP B 262 -6.64 -28.08 17.26
C ASP B 262 -5.42 -28.31 16.35
N TYR B 263 -5.55 -28.06 15.05
CA TYR B 263 -4.44 -28.35 14.09
C TYR B 263 -3.20 -27.51 14.47
N ALA B 264 -2.02 -28.11 14.38
CA ALA B 264 -0.74 -27.54 14.82
C ALA B 264 0.01 -26.94 13.64
N GLY B 265 -0.60 -26.96 12.46
CA GLY B 265 0.03 -26.60 11.18
C GLY B 265 -0.40 -25.25 10.63
N TYR B 266 -0.92 -24.32 11.46
CA TYR B 266 -1.42 -23.02 10.93
C TYR B 266 -0.37 -21.91 11.10
N PHE B 267 -0.50 -20.93 10.22
CA PHE B 267 0.23 -19.65 10.35
C PHE B 267 -0.78 -18.55 10.11
N PRO B 268 -0.56 -17.39 10.74
CA PRO B 268 -1.49 -16.27 10.54
C PRO B 268 -1.47 -15.88 9.06
N HIS B 269 -2.63 -15.59 8.48
CA HIS B 269 -2.68 -15.23 7.04
C HIS B 269 -1.70 -14.10 6.72
N GLY B 270 -0.94 -14.29 5.64
CA GLY B 270 0.02 -13.33 5.08
C GLY B 270 1.32 -13.27 5.88
N ASP B 271 1.47 -14.02 6.97
CA ASP B 271 2.69 -13.99 7.80
C ASP B 271 3.74 -14.93 7.19
N ALA B 272 4.50 -14.42 6.21
CA ALA B 272 5.55 -15.17 5.48
C ALA B 272 6.66 -15.70 6.42
N ALA B 273 7.06 -14.92 7.41
CA ALA B 273 8.03 -15.33 8.46
C ALA B 273 7.53 -16.53 9.27
N ALA B 274 6.26 -16.54 9.71
CA ALA B 274 5.68 -17.69 10.46
C ALA B 274 5.65 -18.94 9.56
N LEU B 275 5.37 -18.78 8.28
CA LEU B 275 5.30 -19.94 7.38
C LEU B 275 6.73 -20.50 7.23
N ALA B 276 7.69 -19.63 7.07
CA ALA B 276 9.12 -20.01 6.96
C ALA B 276 9.59 -20.72 8.22
N ALA B 277 9.20 -20.24 9.42
CA ALA B 277 9.48 -20.90 10.72
C ALA B 277 8.84 -22.30 10.78
N LEU B 278 7.65 -22.47 10.24
CA LEU B 278 7.03 -23.83 10.24
C LEU B 278 7.86 -24.75 9.34
N LEU B 279 8.28 -24.26 8.16
CA LEU B 279 9.07 -25.11 7.21
C LEU B 279 10.42 -25.46 7.86
N GLU B 280 11.07 -24.53 8.55
CA GLU B 280 12.32 -24.83 9.29
C GLU B 280 12.07 -25.89 10.35
N ALA B 281 10.91 -25.87 10.99
CA ALA B 281 10.59 -26.82 12.05
C ALA B 281 10.36 -28.20 11.41
N CYS B 282 9.59 -28.29 10.30
CA CYS B 282 9.37 -29.57 9.60
C CYS B 282 10.75 -30.14 9.25
N ARG B 283 11.57 -29.30 8.63
CA ARG B 283 12.99 -29.71 8.29
C ARG B 283 13.76 -30.19 9.55
N ALA B 284 13.80 -29.43 10.66
CA ALA B 284 14.61 -29.81 11.84
C ALA B 284 14.13 -31.15 12.39
N GLY B 285 12.81 -31.44 12.31
CA GLY B 285 12.17 -32.67 12.80
C GLY B 285 12.56 -33.93 12.04
N GLN B 286 12.99 -33.81 10.79
CA GLN B 286 13.39 -34.99 9.99
C GLN B 286 14.61 -35.73 10.57
N ALA B 293 8.61 -37.56 16.90
CA ALA B 293 8.30 -36.33 17.64
C ALA B 293 8.63 -35.10 16.77
N GLY B 294 8.88 -35.30 15.47
CA GLY B 294 9.02 -34.20 14.50
C GLY B 294 7.68 -33.55 14.25
N LEU B 295 7.65 -32.29 13.86
CA LEU B 295 6.38 -31.62 13.47
C LEU B 295 5.71 -32.39 12.33
N LEU B 296 6.45 -32.91 11.34
CA LEU B 296 5.82 -33.56 10.18
C LEU B 296 5.02 -34.76 10.67
N ASP B 297 5.60 -35.52 11.60
CA ASP B 297 4.97 -36.72 12.19
C ASP B 297 3.73 -36.30 12.98
N SER B 298 3.82 -35.23 13.78
CA SER B 298 2.65 -34.68 14.53
C SER B 298 1.51 -34.33 13.58
N LEU B 299 1.82 -33.53 12.56
CA LEU B 299 0.88 -33.07 11.53
C LEU B 299 0.28 -34.28 10.82
N ARG B 300 1.07 -35.31 10.54
CA ARG B 300 0.55 -36.50 9.83
C ARG B 300 -0.51 -37.20 10.68
N THR B 301 -0.23 -37.35 11.97
CA THR B 301 -1.14 -37.94 12.97
C THR B 301 -2.44 -37.15 12.96
N GLN B 302 -2.34 -35.82 13.04
CA GLN B 302 -3.59 -34.99 13.02
C GLN B 302 -4.35 -35.16 11.70
N CYS B 303 -3.64 -35.12 10.57
CA CYS B 303 -4.25 -35.20 9.22
C CYS B 303 -4.94 -36.57 9.06
N ALA B 304 -4.41 -37.64 9.66
CA ALA B 304 -4.97 -38.98 9.51
C ALA B 304 -6.37 -39.01 10.15
N LEU B 305 -6.59 -38.27 11.21
CA LEU B 305 -7.92 -38.14 11.88
C LEU B 305 -8.88 -37.28 11.04
N ARG B 306 -8.38 -36.44 10.13
CA ARG B 306 -9.21 -35.64 9.20
C ARG B 306 -9.62 -36.44 7.97
N ALA B 307 -8.82 -37.41 7.53
CA ALA B 307 -8.97 -38.12 6.25
C ALA B 307 -10.37 -38.69 6.02
N PRO B 308 -11.04 -39.34 6.99
CA PRO B 308 -12.42 -39.81 6.81
C PRO B 308 -13.49 -38.77 6.48
N LEU B 309 -13.26 -37.49 6.79
CA LEU B 309 -14.16 -36.37 6.39
C LEU B 309 -14.31 -36.35 4.86
N PHE B 310 -13.31 -36.82 4.10
CA PHE B 310 -13.22 -36.62 2.65
C PHE B 310 -13.49 -37.95 1.95
N ASP B 311 -14.25 -38.85 2.58
CA ASP B 311 -14.68 -40.13 1.95
C ASP B 311 -15.92 -39.82 1.11
N PRO B 312 -15.99 -40.27 -0.15
CA PRO B 312 -17.13 -39.98 -1.03
C PRO B 312 -18.46 -40.61 -0.60
N ARG B 313 -18.42 -41.62 0.27
CA ARG B 313 -19.69 -42.21 0.81
C ARG B 313 -20.32 -41.18 1.75
N ALA B 314 -19.49 -40.41 2.46
CA ALA B 314 -19.95 -39.36 3.38
C ALA B 314 -20.57 -38.21 2.58
N GLU B 315 -19.83 -37.68 1.61
CA GLU B 315 -20.30 -36.55 0.76
C GLU B 315 -21.60 -36.96 0.04
N GLN B 316 -21.65 -38.18 -0.48
CA GLN B 316 -22.87 -38.70 -1.15
C GLN B 316 -24.04 -38.68 -0.18
N ALA B 317 -23.89 -39.25 1.02
CA ALA B 317 -25.00 -39.33 2.00
C ALA B 317 -25.44 -37.89 2.36
N ALA B 318 -24.52 -36.94 2.55
CA ALA B 318 -24.91 -35.52 2.77
C ALA B 318 -25.72 -34.96 1.56
N LEU B 319 -25.34 -35.27 0.34
CA LEU B 319 -26.00 -34.73 -0.88
C LEU B 319 -27.38 -35.40 -1.04
N PHE B 320 -27.50 -36.69 -0.70
CA PHE B 320 -28.81 -37.41 -0.78
C PHE B 320 -29.81 -36.72 0.14
N GLN B 321 -29.36 -36.36 1.33
CA GLN B 321 -30.21 -35.71 2.33
C GLN B 321 -30.60 -34.32 1.80
N LEU B 322 -29.62 -33.59 1.25
CA LEU B 322 -29.84 -32.24 0.70
C LEU B 322 -30.87 -32.30 -0.43
N LEU B 323 -30.73 -33.27 -1.33
CA LEU B 323 -31.65 -33.43 -2.49
C LEU B 323 -33.09 -33.74 -2.02
N ASN B 324 -33.24 -34.60 -1.04
CA ASN B 324 -34.54 -34.96 -0.41
C ASN B 324 -35.16 -33.70 0.18
N GLU B 325 -34.36 -32.78 0.74
CA GLU B 325 -34.96 -31.57 1.37
C GLU B 325 -35.39 -30.55 0.30
N LEU B 326 -34.71 -30.52 -0.85
CA LEU B 326 -35.06 -29.59 -1.96
C LEU B 326 -36.25 -30.14 -2.78
N GLN B 327 -36.44 -31.46 -2.87
CA GLN B 327 -37.62 -32.04 -3.55
C GLN B 327 -38.15 -33.19 -2.72
N PRO B 328 -38.95 -32.91 -1.66
CA PRO B 328 -39.49 -33.94 -0.78
C PRO B 328 -40.55 -34.84 -1.43
N ASN C 3 -44.32 22.91 15.58
CA ASN C 3 -44.03 21.81 14.60
C ASN C 3 -43.14 22.38 13.48
N PRO C 4 -41.88 22.73 13.77
CA PRO C 4 -41.12 23.68 12.96
C PRO C 4 -40.94 23.26 11.49
N SER C 5 -40.63 24.24 10.64
CA SER C 5 -40.28 24.06 9.21
C SER C 5 -38.83 24.47 9.00
N LEU C 6 -37.96 23.47 8.87
CA LEU C 6 -36.49 23.67 8.80
C LEU C 6 -36.07 23.66 7.34
N VAL C 7 -35.24 24.63 6.98
CA VAL C 7 -34.52 24.70 5.70
C VAL C 7 -33.04 24.53 6.01
N ILE C 8 -32.44 23.51 5.43
CA ILE C 8 -30.96 23.34 5.52
C ILE C 8 -30.34 23.90 4.22
N VAL C 9 -29.52 24.94 4.31
CA VAL C 9 -28.77 25.57 3.18
C VAL C 9 -27.41 24.88 3.09
N SER C 10 -27.16 24.21 1.96
CA SER C 10 -25.88 23.53 1.67
C SER C 10 -25.38 23.96 0.30
N PRO C 11 -24.15 24.51 0.23
CA PRO C 11 -23.61 25.00 -1.04
C PRO C 11 -23.23 23.86 -2.00
N ALA C 12 -23.20 22.63 -1.53
CA ALA C 12 -22.97 21.44 -2.40
C ALA C 12 -23.96 21.45 -3.57
N LEU C 13 -23.50 21.14 -4.79
CA LEU C 13 -24.39 20.78 -5.94
C LEU C 13 -25.25 19.60 -5.50
N PRO C 14 -26.56 19.61 -5.81
CA PRO C 14 -27.40 18.48 -5.45
C PRO C 14 -26.87 17.16 -6.04
N GLY C 15 -27.00 16.07 -5.29
CA GLY C 15 -26.52 14.73 -5.68
C GLY C 15 -25.04 14.52 -5.38
N ALA C 16 -24.29 15.57 -5.02
CA ALA C 16 -22.80 15.56 -5.03
C ALA C 16 -22.28 14.64 -3.92
N ASN C 17 -21.10 14.10 -4.09
CA ASN C 17 -20.56 13.08 -3.16
C ASN C 17 -19.47 13.76 -2.36
N ASN C 18 -19.84 14.59 -1.36
CA ASN C 18 -18.85 15.31 -0.50
C ASN C 18 -19.49 15.54 0.87
N GLY C 19 -18.71 16.14 1.79
CA GLY C 19 -19.06 16.35 3.20
C GLY C 19 -20.29 17.21 3.30
N ASN C 20 -20.36 18.28 2.51
CA ASN C 20 -21.44 19.31 2.65
C ASN C 20 -22.77 18.65 2.28
N TRP C 21 -22.81 17.88 1.19
CA TRP C 21 -24.04 17.14 0.84
C TRP C 21 -24.38 16.12 1.92
N ARG C 22 -23.39 15.33 2.34
CA ARG C 22 -23.55 14.24 3.34
C ARG C 22 -24.19 14.77 4.64
N THR C 23 -23.60 15.76 5.28
CA THR C 23 -24.14 16.48 6.47
C THR C 23 -25.61 16.87 6.21
N ALA C 24 -25.87 17.63 5.15
CA ALA C 24 -27.23 18.16 4.86
C ALA C 24 -28.20 17.00 4.77
N GLN C 25 -27.90 16.00 3.94
CA GLN C 25 -28.80 14.83 3.79
C GLN C 25 -28.97 14.13 5.14
N ARG C 26 -27.89 13.85 5.88
CA ARG C 26 -28.03 13.12 7.17
C ARG C 26 -28.84 13.97 8.18
N TRP C 27 -28.54 15.26 8.31
CA TRP C 27 -29.23 16.17 9.25
C TRP C 27 -30.72 16.16 8.90
N LYS C 28 -31.07 16.15 7.61
CA LYS C 28 -32.50 16.16 7.19
C LYS C 28 -33.19 14.89 7.67
N ALA C 29 -32.55 13.72 7.47
CA ALA C 29 -33.01 12.40 7.95
C ALA C 29 -33.16 12.39 9.48
N LEU C 30 -32.16 12.93 10.20
CA LEU C 30 -32.12 12.83 11.69
C LEU C 30 -33.15 13.80 12.30
N LEU C 31 -33.56 14.82 11.58
CA LEU C 31 -34.46 15.85 12.18
C LEU C 31 -35.91 15.68 11.72
N SER C 32 -36.14 14.84 10.71
CA SER C 32 -37.47 14.43 10.17
C SER C 32 -38.46 14.02 11.28
N PRO C 33 -38.10 13.23 12.30
CA PRO C 33 -39.07 12.97 13.38
C PRO C 33 -39.69 14.20 14.07
N VAL C 34 -39.06 15.39 14.08
CA VAL C 34 -39.49 16.48 14.98
C VAL C 34 -39.88 17.71 14.17
N CYS C 35 -39.66 17.71 12.85
CA CYS C 35 -39.95 18.90 12.01
C CYS C 35 -40.14 18.48 10.55
N SER C 36 -40.57 19.45 9.75
CA SER C 36 -40.56 19.42 8.28
C SER C 36 -39.22 20.02 7.84
N ALA C 37 -38.38 19.23 7.18
CA ALA C 37 -36.99 19.59 6.82
C ALA C 37 -36.78 19.47 5.30
N ARG C 38 -36.18 20.47 4.70
CA ARG C 38 -35.81 20.48 3.27
C ARG C 38 -34.39 21.03 3.15
N VAL C 39 -33.66 20.59 2.11
CA VAL C 39 -32.30 21.05 1.81
C VAL C 39 -32.37 21.86 0.51
N VAL C 40 -31.70 23.01 0.49
CA VAL C 40 -31.59 23.93 -0.69
C VAL C 40 -30.16 24.43 -0.79
N GLN C 41 -29.79 24.90 -1.97
CA GLN C 41 -28.47 25.50 -2.21
C GLN C 41 -28.56 26.98 -1.85
N GLN C 42 -29.73 27.61 -1.98
CA GLN C 42 -29.77 29.06 -1.63
C GLN C 42 -31.18 29.40 -1.16
N TRP C 43 -31.28 30.50 -0.41
CA TRP C 43 -32.52 30.96 0.28
C TRP C 43 -32.61 32.48 0.09
N PRO C 44 -33.78 33.04 -0.27
CA PRO C 44 -35.03 32.28 -0.40
C PRO C 44 -35.25 31.55 -1.72
N ASP C 45 -36.33 30.80 -1.79
CA ASP C 45 -36.86 30.27 -3.06
C ASP C 45 -38.38 30.40 -3.00
N ALA C 46 -39.07 29.73 -3.92
CA ALA C 46 -40.53 29.72 -4.05
C ALA C 46 -41.18 29.33 -2.72
N ASP C 47 -40.49 28.52 -1.91
CA ASP C 47 -41.06 27.82 -0.73
C ASP C 47 -40.71 28.53 0.58
N ALA C 48 -39.98 29.63 0.54
CA ALA C 48 -39.33 30.27 1.73
C ALA C 48 -40.36 30.73 2.78
N SER C 49 -41.60 31.06 2.40
CA SER C 49 -42.56 31.76 3.29
C SER C 49 -42.98 30.86 4.45
N ALA C 50 -42.92 29.54 4.30
CA ALA C 50 -43.28 28.55 5.35
C ALA C 50 -42.09 28.16 6.25
N ASP C 51 -40.85 28.51 5.93
CA ASP C 51 -39.66 28.14 6.73
C ASP C 51 -39.66 28.93 8.06
N THR C 52 -39.38 28.27 9.19
CA THR C 52 -39.33 28.89 10.54
C THR C 52 -37.90 28.76 11.10
N VAL C 53 -37.10 27.83 10.59
CA VAL C 53 -35.70 27.67 11.07
C VAL C 53 -34.80 27.46 9.86
N MET C 54 -33.63 28.06 9.93
CA MET C 54 -32.55 27.84 8.94
C MET C 54 -31.31 27.27 9.63
N LEU C 55 -30.76 26.20 9.06
CA LEU C 55 -29.40 25.70 9.39
C LEU C 55 -28.61 25.79 8.09
N ALA C 56 -27.65 26.71 8.08
CA ALA C 56 -26.84 27.11 6.92
C ALA C 56 -25.38 26.67 7.11
N LEU C 57 -24.96 25.81 6.21
CA LEU C 57 -23.54 25.36 6.09
C LEU C 57 -22.64 26.36 5.36
N HIS C 58 -21.58 26.72 6.05
CA HIS C 58 -20.37 27.43 5.62
C HIS C 58 -20.64 28.93 5.74
N ALA C 59 -19.95 29.59 6.68
CA ALA C 59 -20.16 31.03 7.01
C ALA C 59 -19.96 31.94 5.78
N ARG C 60 -19.05 31.60 4.86
CA ARG C 60 -18.75 32.39 3.63
C ARG C 60 -19.65 31.92 2.50
N ARG C 61 -19.61 30.62 2.16
CA ARG C 61 -20.25 30.11 0.93
C ARG C 61 -21.78 30.29 0.99
N SER C 62 -22.41 30.27 2.18
CA SER C 62 -23.87 30.47 2.29
C SER C 62 -24.21 31.87 2.83
N ALA C 63 -23.22 32.75 2.94
CA ALA C 63 -23.32 34.10 3.58
C ALA C 63 -24.50 34.91 3.03
N GLU C 64 -24.77 34.82 1.71
CA GLU C 64 -25.88 35.58 1.05
C GLU C 64 -27.23 35.08 1.59
N SER C 65 -27.43 33.76 1.63
CA SER C 65 -28.64 33.09 2.16
C SER C 65 -28.78 33.33 3.67
N ILE C 66 -27.66 33.34 4.39
CA ILE C 66 -27.61 33.70 5.85
C ILE C 66 -28.14 35.14 5.98
N ALA C 67 -27.59 36.08 5.22
CA ALA C 67 -28.01 37.52 5.27
C ALA C 67 -29.50 37.68 4.92
N HIS C 68 -30.01 36.99 3.91
CA HIS C 68 -31.46 37.06 3.57
C HIS C 68 -32.33 36.59 4.73
N TRP C 69 -31.95 35.49 5.37
CA TRP C 69 -32.72 34.97 6.53
C TRP C 69 -32.71 36.00 7.65
N ALA C 70 -31.54 36.54 7.98
CA ALA C 70 -31.37 37.46 9.13
C ALA C 70 -32.24 38.71 8.89
N HIS C 71 -32.21 39.26 7.68
CA HIS C 71 -33.01 40.46 7.29
C HIS C 71 -34.50 40.12 7.33
N ALA C 72 -34.92 38.91 6.93
CA ALA C 72 -36.33 38.47 6.93
C ALA C 72 -36.80 37.97 8.31
N HIS C 73 -35.89 37.67 9.24
CA HIS C 73 -36.21 37.13 10.58
C HIS C 73 -35.16 37.64 11.56
N PRO C 74 -35.00 38.97 11.75
CA PRO C 74 -33.98 39.51 12.64
C PRO C 74 -34.03 38.82 14.00
N GLY C 75 -32.85 38.48 14.53
CA GLY C 75 -32.67 37.90 15.86
C GLY C 75 -33.43 36.59 16.06
N ARG C 76 -33.81 35.84 15.02
CA ARG C 76 -34.59 34.59 15.23
C ARG C 76 -34.32 33.49 14.17
N GLY C 77 -34.17 32.26 14.65
CA GLY C 77 -34.35 31.01 13.88
C GLY C 77 -33.09 30.61 13.08
N LEU C 78 -31.96 31.31 13.25
CA LEU C 78 -30.73 31.15 12.42
C LEU C 78 -29.58 30.38 13.10
N GLY C 79 -29.25 29.19 12.59
CA GLY C 79 -28.00 28.50 12.97
C GLY C 79 -27.04 28.44 11.79
N VAL C 80 -25.77 28.81 12.00
CA VAL C 80 -24.69 28.77 11.00
C VAL C 80 -23.75 27.64 11.42
N VAL C 81 -23.46 26.78 10.46
CA VAL C 81 -22.64 25.55 10.69
C VAL C 81 -21.27 25.79 10.09
N LEU C 82 -20.25 25.66 10.93
CA LEU C 82 -18.86 26.00 10.60
C LEU C 82 -18.23 24.71 10.08
N THR C 83 -18.27 24.54 8.76
CA THR C 83 -17.95 23.24 8.07
C THR C 83 -16.46 23.03 7.95
N GLY C 84 -15.60 24.07 8.08
CA GLY C 84 -14.15 23.90 8.14
C GLY C 84 -13.37 25.06 7.59
N THR C 85 -13.42 25.28 6.27
CA THR C 85 -12.67 26.33 5.56
C THR C 85 -13.17 27.71 6.03
N ASP C 86 -14.39 27.80 6.58
CA ASP C 86 -14.87 29.06 7.24
C ASP C 86 -14.11 29.28 8.56
N LEU C 87 -14.23 28.30 9.45
CA LEU C 87 -13.73 28.36 10.84
C LEU C 87 -12.20 28.51 10.83
N TYR C 88 -11.49 27.75 10.01
CA TYR C 88 -10.00 27.69 10.06
C TYR C 88 -9.38 28.54 8.96
N GLN C 89 -10.15 29.27 8.16
CA GLN C 89 -9.52 30.12 7.10
C GLN C 89 -10.24 31.48 7.02
N ASP C 90 -11.52 31.45 6.72
CA ASP C 90 -12.21 32.64 6.14
C ASP C 90 -12.53 33.65 7.23
N ILE C 91 -12.83 33.25 8.47
CA ILE C 91 -13.32 34.22 9.51
C ILE C 91 -12.16 35.13 9.94
N GLY C 92 -10.93 34.74 9.66
CA GLY C 92 -9.71 35.55 9.92
C GLY C 92 -9.86 36.94 9.32
N SER C 93 -10.29 37.03 8.07
CA SER C 93 -10.21 38.27 7.25
C SER C 93 -11.49 38.54 6.45
N ASP C 94 -12.35 37.55 6.23
CA ASP C 94 -13.50 37.65 5.29
C ASP C 94 -14.69 38.36 5.96
N PRO C 95 -15.04 39.57 5.47
CA PRO C 95 -16.21 40.29 5.99
C PRO C 95 -17.53 39.51 5.90
N GLN C 96 -17.74 38.75 4.81
CA GLN C 96 -18.99 37.97 4.60
C GLN C 96 -19.12 36.90 5.69
N ALA C 97 -18.08 36.09 5.85
CA ALA C 97 -18.01 35.07 6.92
C ALA C 97 -18.10 35.77 8.29
N GLN C 98 -17.47 36.93 8.47
CA GLN C 98 -17.56 37.68 9.77
C GLN C 98 -18.99 38.09 10.09
N ARG C 99 -19.80 38.52 9.12
CA ARG C 99 -21.21 38.98 9.35
C ARG C 99 -22.08 37.77 9.61
N SER C 100 -21.79 36.65 8.93
CA SER C 100 -22.47 35.37 9.22
C SER C 100 -22.33 35.03 10.71
N LEU C 101 -21.14 35.15 11.31
CA LEU C 101 -20.92 34.85 12.77
C LEU C 101 -21.79 35.77 13.64
N GLN C 102 -21.77 37.07 13.31
CA GLN C 102 -22.57 38.16 13.95
C GLN C 102 -24.07 37.88 13.86
N LEU C 103 -24.59 37.57 12.68
CA LEU C 103 -26.05 37.40 12.49
C LEU C 103 -26.59 36.13 13.17
N ALA C 104 -25.78 35.09 13.34
CA ALA C 104 -26.24 33.79 13.89
C ALA C 104 -26.82 33.96 15.29
N GLN C 105 -27.95 33.31 15.53
CA GLN C 105 -28.53 32.95 16.86
C GLN C 105 -27.69 31.82 17.49
N ARG C 106 -27.26 30.82 16.72
CA ARG C 106 -26.45 29.68 17.24
C ARG C 106 -25.37 29.39 16.21
N LEU C 107 -24.17 29.02 16.65
CA LEU C 107 -23.09 28.61 15.72
C LEU C 107 -22.80 27.15 16.03
N VAL C 108 -22.41 26.36 15.04
CA VAL C 108 -22.31 24.88 15.22
C VAL C 108 -20.91 24.53 14.77
N VAL C 109 -20.10 23.94 15.63
CA VAL C 109 -18.77 23.37 15.29
C VAL C 109 -18.89 21.83 15.39
N LEU C 110 -18.12 21.10 14.58
CA LEU C 110 -18.37 19.66 14.36
C LEU C 110 -17.40 18.81 15.19
N GLN C 111 -16.53 19.43 16.00
CA GLN C 111 -15.77 18.70 17.05
C GLN C 111 -15.44 19.65 18.20
N ALA C 112 -14.99 19.07 19.31
CA ALA C 112 -14.92 19.66 20.67
C ALA C 112 -14.04 20.91 20.67
N LEU C 113 -13.04 21.03 19.79
CA LEU C 113 -12.01 22.09 19.78
C LEU C 113 -12.47 23.27 18.93
N GLY C 114 -13.52 23.12 18.14
CA GLY C 114 -13.97 24.11 17.14
C GLY C 114 -14.18 25.49 17.72
N ALA C 115 -14.76 25.60 18.93
CA ALA C 115 -15.06 26.91 19.52
C ALA C 115 -13.77 27.62 19.96
N GLU C 116 -12.61 26.96 20.04
CA GLU C 116 -11.32 27.69 20.33
C GLU C 116 -10.93 28.61 19.15
N ALA C 117 -11.47 28.38 17.93
CA ALA C 117 -11.08 29.15 16.72
C ALA C 117 -12.04 30.33 16.54
N LEU C 118 -13.19 30.34 17.22
CA LEU C 118 -14.19 31.45 17.16
C LEU C 118 -13.75 32.61 18.03
N PRO C 119 -14.07 33.88 17.64
CA PRO C 119 -13.83 35.02 18.52
C PRO C 119 -14.52 34.76 19.86
N PRO C 120 -13.96 35.23 20.99
CA PRO C 120 -14.57 34.96 22.30
C PRO C 120 -16.05 35.36 22.41
N GLU C 121 -16.44 36.44 21.74
CA GLU C 121 -17.80 37.00 21.87
C GLU C 121 -18.80 36.10 21.14
N CYS C 122 -18.33 35.07 20.40
CA CYS C 122 -19.16 34.12 19.63
C CYS C 122 -19.31 32.78 20.36
N ARG C 123 -18.59 32.59 21.47
CA ARG C 123 -18.52 31.24 22.12
C ARG C 123 -19.78 30.95 22.93
N ALA C 124 -20.45 31.96 23.48
CA ALA C 124 -21.67 31.74 24.29
C ALA C 124 -22.71 31.06 23.41
N LYS C 125 -22.81 31.41 22.12
CA LYS C 125 -23.89 30.85 21.26
C LYS C 125 -23.37 29.66 20.42
N ALA C 126 -22.10 29.23 20.67
CA ALA C 126 -21.49 28.08 19.94
C ALA C 126 -21.92 26.73 20.52
N ARG C 127 -22.32 25.76 19.66
CA ARG C 127 -22.78 24.41 20.07
C ARG C 127 -21.91 23.34 19.37
N VAL C 128 -21.39 22.36 20.08
CA VAL C 128 -20.66 21.23 19.43
C VAL C 128 -21.65 20.19 18.95
N VAL C 129 -21.65 19.83 17.66
CA VAL C 129 -22.39 18.65 17.18
C VAL C 129 -21.41 17.73 16.47
N TYR C 130 -20.95 16.66 17.14
CA TYR C 130 -20.09 15.62 16.52
C TYR C 130 -20.96 15.00 15.43
N GLN C 131 -20.39 14.78 14.24
CA GLN C 131 -21.18 14.09 13.20
C GLN C 131 -21.22 12.61 13.55
N SER C 132 -21.97 11.87 12.75
CA SER C 132 -22.24 10.43 12.90
C SER C 132 -22.15 9.75 11.55
N THR C 133 -21.93 8.44 11.56
CA THR C 133 -21.95 7.62 10.34
C THR C 133 -22.32 6.17 10.73
N SER C 134 -22.84 5.41 9.80
CA SER C 134 -23.19 3.99 10.00
C SER C 134 -21.89 3.22 10.26
N ALA C 135 -21.96 2.15 11.07
CA ALA C 135 -20.77 1.30 11.33
C ALA C 135 -20.65 0.31 10.16
N ARG C 136 -19.45 -0.26 10.05
CA ARG C 136 -19.13 -1.39 9.16
C ARG C 136 -18.40 -2.41 10.02
N ALA C 137 -18.66 -3.70 9.77
CA ALA C 137 -18.00 -4.80 10.48
C ALA C 137 -16.49 -4.61 10.35
N GLU C 138 -15.74 -4.69 11.42
CA GLU C 138 -14.27 -4.74 11.33
C GLU C 138 -13.89 -6.07 10.69
N LEU C 139 -13.12 -6.02 9.60
CA LEU C 139 -12.60 -7.23 8.92
C LEU C 139 -11.22 -7.60 9.47
N PRO C 140 -10.88 -8.90 9.41
CA PRO C 140 -9.57 -9.36 9.83
C PRO C 140 -8.63 -8.95 8.70
N LYS C 141 -7.43 -8.49 9.02
CA LYS C 141 -6.55 -7.96 7.95
C LYS C 141 -5.23 -8.73 7.88
N SER C 142 -4.84 -9.02 6.65
CA SER C 142 -3.64 -9.82 6.32
C SER C 142 -2.36 -9.12 6.78
N ALA C 143 -1.43 -9.93 7.22
CA ALA C 143 -0.05 -9.51 7.46
C ALA C 143 0.73 -9.47 6.14
N ARG C 144 0.17 -9.75 4.96
CA ARG C 144 1.01 -9.84 3.73
C ARG C 144 1.54 -8.47 3.33
N GLN C 145 0.80 -7.41 3.59
CA GLN C 145 1.23 -6.04 3.21
C GLN C 145 0.53 -5.04 4.13
N LEU C 146 0.92 -3.79 4.06
CA LEU C 146 0.23 -2.66 4.74
C LEU C 146 -0.46 -1.85 3.64
N ARG C 147 -1.78 -1.82 3.65
CA ARG C 147 -2.57 -1.13 2.62
C ARG C 147 -3.17 0.12 3.25
N ALA C 148 -2.75 1.28 2.79
CA ALA C 148 -3.21 2.57 3.35
C ALA C 148 -4.16 3.20 2.34
N VAL C 149 -5.17 3.94 2.80
CA VAL C 149 -6.10 4.61 1.86
C VAL C 149 -6.23 6.03 2.39
N MET C 150 -6.21 6.99 1.49
CA MET C 150 -6.53 8.39 1.79
C MET C 150 -7.71 8.80 0.93
N VAL C 151 -8.70 9.47 1.52
CA VAL C 151 -9.95 9.80 0.78
C VAL C 151 -10.13 11.31 0.86
N GLY C 152 -10.14 12.01 -0.29
CA GLY C 152 -10.41 13.48 -0.33
C GLY C 152 -10.37 13.97 -1.75
N HIS C 153 -11.47 14.52 -2.24
CA HIS C 153 -11.44 15.19 -3.56
C HIS C 153 -10.21 16.09 -3.53
N LEU C 154 -9.37 16.10 -4.57
CA LEU C 154 -8.07 16.79 -4.51
C LEU C 154 -8.28 18.29 -4.55
N ARG C 155 -7.90 18.95 -3.46
CA ARG C 155 -7.85 20.42 -3.39
C ARG C 155 -6.79 20.71 -2.34
N GLN C 156 -6.25 21.90 -2.37
CA GLN C 156 -5.02 22.22 -1.64
C GLN C 156 -5.24 22.02 -0.13
N VAL C 157 -6.43 22.29 0.41
CA VAL C 157 -6.65 22.18 1.88
C VAL C 157 -6.53 20.71 2.33
N LYS C 158 -6.61 19.75 1.42
CA LYS C 158 -6.35 18.32 1.77
C LYS C 158 -4.84 18.03 1.87
N SER C 159 -3.97 18.91 1.38
CA SER C 159 -2.49 18.76 1.44
C SER C 159 -2.16 17.39 0.87
N PRO C 160 -2.63 17.02 -0.33
CA PRO C 160 -2.32 15.70 -0.85
C PRO C 160 -0.82 15.51 -1.14
N GLN C 161 -0.07 16.60 -1.34
CA GLN C 161 1.39 16.59 -1.67
C GLN C 161 2.15 15.87 -0.56
N THR C 162 1.73 15.98 0.70
CA THR C 162 2.34 15.24 1.82
C THR C 162 2.24 13.71 1.58
N LEU C 163 1.07 13.22 1.16
CA LEU C 163 0.88 11.80 0.74
C LEU C 163 1.74 11.49 -0.47
N PHE C 164 1.76 12.37 -1.48
CA PHE C 164 2.59 12.10 -2.69
C PHE C 164 4.07 11.95 -2.29
N ASP C 165 4.53 12.85 -1.44
CA ASP C 165 5.92 12.91 -0.92
C ASP C 165 6.26 11.63 -0.13
N ALA C 166 5.36 11.16 0.78
CA ALA C 166 5.53 9.89 1.53
C ALA C 166 5.61 8.69 0.58
N ALA C 167 4.74 8.61 -0.45
CA ALA C 167 4.75 7.54 -1.49
C ALA C 167 6.11 7.52 -2.20
N ARG C 168 6.62 8.70 -2.55
CA ARG C 168 7.93 8.85 -3.26
C ARG C 168 9.08 8.39 -2.35
N LEU C 169 9.04 8.70 -1.06
CA LEU C 169 10.09 8.18 -0.14
C LEU C 169 10.09 6.64 -0.13
N LEU C 170 8.94 5.99 -0.32
CA LEU C 170 8.76 4.53 -0.24
C LEU C 170 8.62 3.92 -1.63
N CYS C 171 9.03 4.64 -2.69
CA CYS C 171 8.71 4.31 -4.12
C CYS C 171 9.05 2.84 -4.45
N GLY C 172 10.22 2.33 -4.08
CA GLY C 172 10.40 0.88 -4.33
C GLY C 172 9.40 -0.09 -3.65
N ARG C 173 8.92 0.20 -2.44
CA ARG C 173 8.60 -0.83 -1.39
C ARG C 173 7.38 -1.67 -1.75
N GLU C 174 7.51 -2.98 -2.03
CA GLU C 174 6.34 -3.81 -2.46
C GLU C 174 5.29 -3.97 -1.35
N ASP C 175 5.68 -3.98 -0.07
CA ASP C 175 4.80 -4.44 1.04
C ASP C 175 4.07 -3.24 1.68
N ILE C 176 4.30 -2.01 1.23
CA ILE C 176 3.46 -0.83 1.61
C ILE C 176 2.76 -0.33 0.33
N ARG C 177 1.43 -0.23 0.35
CA ARG C 177 0.54 0.09 -0.77
C ARG C 177 -0.32 1.28 -0.32
N ILE C 178 -0.49 2.25 -1.19
CA ILE C 178 -1.31 3.48 -0.87
C ILE C 178 -2.32 3.62 -1.98
N ASP C 179 -3.61 3.61 -1.61
CA ASP C 179 -4.69 3.93 -2.57
C ASP C 179 -5.25 5.30 -2.19
N HIS C 180 -5.50 6.13 -3.20
CA HIS C 180 -5.90 7.53 -3.04
C HIS C 180 -7.21 7.68 -3.80
N ILE C 181 -8.26 8.03 -3.08
CA ILE C 181 -9.61 8.17 -3.65
C ILE C 181 -9.97 9.67 -3.61
N GLY C 182 -10.35 10.22 -4.77
CA GLY C 182 -10.86 11.59 -4.89
C GLY C 182 -10.81 12.04 -6.32
N ASP C 183 -11.67 13.00 -6.65
CA ASP C 183 -11.71 13.64 -7.98
C ASP C 183 -10.48 14.54 -8.19
N ALA C 184 -10.14 14.82 -9.44
CA ALA C 184 -9.21 15.93 -9.73
C ALA C 184 -10.00 17.18 -9.31
N GLY C 185 -9.34 18.21 -8.84
CA GLY C 185 -10.06 19.45 -8.47
C GLY C 185 -9.21 20.66 -8.73
N ASP C 186 -8.38 21.02 -7.74
CA ASP C 186 -7.44 22.16 -7.82
C ASP C 186 -6.45 21.87 -8.95
N ALA C 187 -5.98 22.95 -9.61
CA ALA C 187 -5.10 22.90 -10.78
C ALA C 187 -3.91 21.98 -10.47
N GLY C 188 -3.74 20.95 -11.27
CA GLY C 188 -2.45 20.23 -11.37
C GLY C 188 -2.35 19.08 -10.39
N LEU C 189 -3.28 18.94 -9.43
CA LEU C 189 -3.09 17.90 -8.37
C LEU C 189 -3.32 16.51 -8.96
N GLY C 190 -4.28 16.35 -9.89
CA GLY C 190 -4.57 15.10 -10.62
C GLY C 190 -3.39 14.63 -11.45
N GLU C 191 -2.72 15.55 -12.15
CA GLU C 191 -1.46 15.29 -12.92
C GLU C 191 -0.37 14.79 -11.98
N LEU C 192 -0.13 15.46 -10.84
CA LEU C 192 0.84 14.96 -9.83
C LEU C 192 0.48 13.51 -9.47
N ALA C 193 -0.78 13.23 -9.19
CA ALA C 193 -1.22 11.88 -8.76
C ALA C 193 -0.94 10.87 -9.87
N ARG C 194 -1.28 11.22 -11.10
CA ARG C 194 -1.17 10.32 -12.27
C ARG C 194 0.32 10.03 -12.53
N ALA C 195 1.16 11.05 -12.55
CA ALA C 195 2.64 10.92 -12.64
C ALA C 195 3.18 9.99 -11.54
N LEU C 196 2.82 10.25 -10.30
CA LEU C 196 3.25 9.45 -9.13
C LEU C 196 2.91 7.98 -9.37
N ALA C 197 1.68 7.67 -9.76
CA ALA C 197 1.18 6.29 -9.97
C ALA C 197 1.96 5.62 -11.13
N SER C 198 2.29 6.37 -12.18
CA SER C 198 3.07 5.82 -13.31
C SER C 198 4.48 5.42 -12.83
N ASP C 199 5.11 6.21 -11.94
CA ASP C 199 6.48 6.00 -11.42
C ASP C 199 6.53 4.94 -10.32
N CYS C 200 5.60 4.99 -9.37
CA CYS C 200 5.71 4.24 -8.09
C CYS C 200 4.51 3.30 -8.03
N PRO C 201 4.71 2.00 -8.31
CA PRO C 201 3.57 1.11 -8.47
C PRO C 201 2.81 0.85 -7.19
N GLY C 202 3.43 1.13 -6.05
CA GLY C 202 2.82 1.06 -4.72
C GLY C 202 1.71 2.08 -4.47
N TYR C 203 1.64 3.13 -5.29
CA TYR C 203 0.66 4.24 -5.18
C TYR C 203 -0.31 4.11 -6.34
N ARG C 204 -1.60 4.22 -6.04
CA ARG C 204 -2.64 4.24 -7.08
C ARG C 204 -3.53 5.43 -6.78
N TRP C 205 -3.83 6.23 -7.80
CA TRP C 205 -4.89 7.26 -7.69
C TRP C 205 -6.12 6.68 -8.38
N LEU C 206 -7.18 6.46 -7.62
CA LEU C 206 -8.34 5.67 -8.10
C LEU C 206 -9.38 6.64 -8.67
N GLY C 207 -9.17 7.96 -8.54
CA GLY C 207 -10.16 8.97 -8.91
C GLY C 207 -11.32 9.01 -7.93
N ALA C 208 -12.37 9.72 -8.30
CA ALA C 208 -13.57 9.83 -7.45
C ALA C 208 -14.25 8.47 -7.49
N LEU C 209 -14.71 7.98 -6.35
CA LEU C 209 -15.44 6.70 -6.30
C LEU C 209 -16.78 6.95 -5.60
N PRO C 210 -17.82 6.14 -5.93
CA PRO C 210 -19.11 6.18 -5.25
C PRO C 210 -18.98 5.80 -3.78
N HIS C 211 -19.83 6.40 -2.96
CA HIS C 211 -19.67 6.40 -1.49
C HIS C 211 -19.67 4.97 -0.97
N ALA C 212 -20.49 4.06 -1.51
CA ALA C 212 -20.58 2.66 -1.01
C ALA C 212 -19.23 1.96 -1.20
N GLN C 213 -18.62 2.10 -2.37
CA GLN C 213 -17.31 1.49 -2.69
C GLN C 213 -16.20 2.21 -1.90
N THR C 214 -16.30 3.52 -1.69
CA THR C 214 -15.35 4.27 -0.83
C THR C 214 -15.41 3.74 0.59
N ARG C 215 -16.61 3.53 1.16
CA ARG C 215 -16.72 2.94 2.51
C ARG C 215 -16.16 1.50 2.51
N GLN C 216 -16.39 0.69 1.45
CA GLN C 216 -15.85 -0.71 1.41
C GLN C 216 -14.29 -0.67 1.40
N ARG C 217 -13.67 0.23 0.63
CA ARG C 217 -12.17 0.39 0.60
C ARG C 217 -11.60 0.87 1.94
N ILE C 218 -12.29 1.78 2.65
CA ILE C 218 -11.84 2.22 3.99
C ILE C 218 -11.92 1.04 4.96
N GLN C 219 -13.04 0.29 4.89
CA GLN C 219 -13.30 -0.90 5.70
C GLN C 219 -12.20 -1.93 5.43
N ARG C 220 -11.77 -2.07 4.19
CA ARG C 220 -10.76 -3.10 3.87
C ARG C 220 -9.32 -2.65 4.16
N ALA C 221 -9.02 -1.34 4.16
CA ALA C 221 -7.64 -0.80 4.32
C ALA C 221 -7.11 -1.18 5.68
N HIS C 222 -5.79 -1.37 5.80
CA HIS C 222 -5.13 -1.48 7.14
C HIS C 222 -5.25 -0.17 7.91
N VAL C 223 -5.17 0.98 7.23
CA VAL C 223 -5.07 2.29 7.92
C VAL C 223 -5.56 3.38 6.97
N LEU C 224 -6.23 4.39 7.50
CA LEU C 224 -6.58 5.60 6.73
C LEU C 224 -5.54 6.69 7.04
N VAL C 225 -5.00 7.31 6.01
CA VAL C 225 -4.11 8.48 6.11
C VAL C 225 -4.97 9.70 5.74
N HIS C 226 -4.81 10.78 6.48
CA HIS C 226 -5.47 12.06 6.23
C HIS C 226 -4.47 13.19 6.53
N THR C 227 -4.09 13.99 5.54
CA THR C 227 -2.98 14.95 5.62
C THR C 227 -3.43 16.42 5.79
N SER C 228 -4.72 16.67 5.82
CA SER C 228 -5.34 18.01 5.55
C SER C 228 -4.64 19.08 6.39
N ALA C 229 -4.48 20.28 5.84
CA ALA C 229 -4.09 21.50 6.57
C ALA C 229 -5.15 21.87 7.62
N LEU C 230 -6.43 21.58 7.38
CA LEU C 230 -7.56 21.95 8.24
C LEU C 230 -8.76 21.07 7.90
N GLU C 231 -9.60 20.83 8.90
CA GLU C 231 -10.90 20.17 8.75
C GLU C 231 -11.88 20.78 9.74
N GLY C 232 -13.14 20.88 9.33
CA GLY C 232 -14.27 21.09 10.24
C GLY C 232 -14.48 19.88 11.15
N GLY C 233 -14.24 18.67 10.64
CA GLY C 233 -14.42 17.39 11.37
C GLY C 233 -14.72 16.31 10.37
N ALA C 234 -13.69 15.74 9.79
CA ALA C 234 -13.83 14.95 8.54
C ALA C 234 -14.68 13.67 8.70
N HIS C 235 -15.59 13.50 7.76
CA HIS C 235 -16.42 12.30 7.56
C HIS C 235 -15.49 11.10 7.42
N VAL C 236 -14.41 11.23 6.63
CA VAL C 236 -13.56 10.06 6.31
C VAL C 236 -12.91 9.47 7.58
N ILE C 237 -12.55 10.30 8.56
CA ILE C 237 -11.97 9.81 9.85
C ILE C 237 -13.05 9.06 10.62
N MET C 238 -14.26 9.61 10.77
CA MET C 238 -15.44 8.87 11.32
C MET C 238 -15.61 7.54 10.61
N GLU C 239 -15.54 7.55 9.28
CA GLU C 239 -15.94 6.36 8.47
C GLU C 239 -14.91 5.24 8.72
N ALA C 240 -13.65 5.64 8.90
CA ALA C 240 -12.54 4.72 9.29
C ALA C 240 -12.77 4.17 10.69
N VAL C 241 -12.88 5.04 11.69
CA VAL C 241 -13.05 4.66 13.11
C VAL C 241 -14.25 3.71 13.18
N ARG C 242 -15.37 4.01 12.52
CA ARG C 242 -16.63 3.22 12.67
C ARG C 242 -16.56 1.93 11.84
N SER C 243 -15.43 1.65 11.19
CA SER C 243 -15.16 0.41 10.43
C SER C 243 -14.10 -0.42 11.15
N GLY C 244 -13.59 0.09 12.26
CA GLY C 244 -12.42 -0.45 13.01
C GLY C 244 -11.11 -0.30 12.23
N THR C 245 -11.05 0.64 11.29
CA THR C 245 -9.81 1.01 10.54
C THR C 245 -9.15 2.16 11.29
N PRO C 246 -7.89 2.00 11.79
CA PRO C 246 -7.20 3.11 12.45
C PRO C 246 -6.70 4.15 11.45
N VAL C 247 -6.31 5.29 11.99
CA VAL C 247 -6.01 6.54 11.24
C VAL C 247 -4.59 7.04 11.58
N LEU C 248 -3.95 7.60 10.57
CA LEU C 248 -2.75 8.43 10.70
C LEU C 248 -3.10 9.81 10.17
N ALA C 249 -3.03 10.84 11.01
CA ALA C 249 -3.60 12.15 10.69
C ALA C 249 -2.57 13.24 10.94
N SER C 250 -2.65 14.32 10.15
CA SER C 250 -1.91 15.58 10.42
C SER C 250 -2.39 16.16 11.73
N ARG C 251 -1.48 16.68 12.54
CA ARG C 251 -1.84 17.26 13.84
C ARG C 251 -2.35 18.68 13.57
N VAL C 252 -3.60 18.76 13.19
CA VAL C 252 -4.31 20.05 13.00
C VAL C 252 -5.60 19.95 13.79
N PRO C 253 -6.08 21.09 14.31
CA PRO C 253 -7.21 21.10 15.24
C PRO C 253 -8.39 20.21 14.86
N GLY C 254 -8.83 20.25 13.60
CA GLY C 254 -10.05 19.54 13.22
C GLY C 254 -9.84 18.04 13.22
N ASN C 255 -8.57 17.62 13.07
CA ASN C 255 -8.21 16.19 13.13
C ASN C 255 -8.11 15.77 14.60
N VAL C 256 -7.50 16.63 15.41
CA VAL C 256 -7.28 16.41 16.87
C VAL C 256 -8.63 16.37 17.58
N GLY C 257 -9.62 17.16 17.16
CA GLY C 257 -10.96 17.11 17.78
C GLY C 257 -11.69 15.81 17.45
N MET C 258 -11.28 15.13 16.37
CA MET C 258 -11.90 13.84 16.00
C MET C 258 -11.19 12.69 16.72
N LEU C 259 -9.87 12.71 16.82
CA LEU C 259 -9.13 11.50 17.30
C LEU C 259 -8.66 11.60 18.76
N GLY C 260 -8.55 12.80 19.33
CA GLY C 260 -8.22 12.97 20.76
C GLY C 260 -6.84 13.52 21.01
N ASN C 261 -6.64 14.25 22.12
CA ASN C 261 -5.34 14.92 22.41
C ASN C 261 -4.24 13.86 22.62
N ASP C 262 -4.58 12.68 23.10
CA ASP C 262 -3.61 11.62 23.50
C ASP C 262 -3.34 10.65 22.33
N TYR C 263 -3.91 10.89 21.17
CA TYR C 263 -3.87 9.91 20.06
C TYR C 263 -2.42 9.77 19.62
N ALA C 264 -2.01 8.54 19.32
CA ALA C 264 -0.60 8.18 19.01
C ALA C 264 -0.30 8.17 17.52
N GLY C 265 -1.29 8.41 16.64
CA GLY C 265 -1.05 8.36 15.18
C GLY C 265 -1.01 9.73 14.51
N TYR C 266 -0.50 10.78 15.15
CA TYR C 266 -0.33 12.09 14.46
C TYR C 266 1.07 12.23 13.87
N PHE C 267 1.12 12.98 12.77
CA PHE C 267 2.35 13.56 12.19
C PHE C 267 2.14 15.06 12.00
N PRO C 268 3.23 15.83 12.13
CA PRO C 268 3.14 17.27 11.97
C PRO C 268 2.64 17.54 10.55
N HIS C 269 1.83 18.58 10.39
CA HIS C 269 1.35 18.98 9.04
C HIS C 269 2.52 19.24 8.09
N GLY C 270 2.41 18.71 6.85
CA GLY C 270 3.39 18.90 5.76
C GLY C 270 4.65 18.07 5.96
N ASP C 271 4.68 17.10 6.90
CA ASP C 271 5.91 16.32 7.19
C ASP C 271 5.77 14.90 6.62
N ALA C 272 6.14 14.76 5.35
CA ALA C 272 6.06 13.49 4.61
C ALA C 272 6.99 12.43 5.23
N ALA C 273 8.14 12.80 5.79
CA ALA C 273 9.08 11.84 6.39
C ALA C 273 8.44 11.27 7.67
N ALA C 274 7.79 12.09 8.48
CA ALA C 274 7.10 11.61 9.70
C ALA C 274 5.95 10.65 9.29
N LEU C 275 5.23 10.94 8.22
CA LEU C 275 4.13 10.07 7.73
C LEU C 275 4.76 8.77 7.21
N ALA C 276 5.88 8.85 6.49
CA ALA C 276 6.50 7.63 5.94
C ALA C 276 6.92 6.74 7.13
N ALA C 277 7.49 7.34 8.16
CA ALA C 277 8.01 6.63 9.35
C ALA C 277 6.85 5.92 10.08
N LEU C 278 5.69 6.56 10.15
CA LEU C 278 4.51 5.93 10.75
C LEU C 278 4.00 4.77 9.89
N LEU C 279 3.99 4.92 8.57
CA LEU C 279 3.61 3.80 7.66
C LEU C 279 4.59 2.63 7.91
N GLU C 280 5.89 2.90 7.97
CA GLU C 280 6.92 1.86 8.21
C GLU C 280 6.70 1.17 9.56
N ALA C 281 6.45 1.91 10.65
CA ALA C 281 6.21 1.35 12.01
C ALA C 281 4.92 0.53 12.00
N CYS C 282 3.88 1.03 11.35
CA CYS C 282 2.65 0.22 11.11
C CYS C 282 2.98 -1.13 10.45
N ARG C 283 3.72 -1.06 9.36
CA ARG C 283 4.15 -2.26 8.65
C ARG C 283 4.97 -3.18 9.56
N ALA C 284 5.96 -2.62 10.29
CA ALA C 284 6.89 -3.40 11.15
C ALA C 284 6.13 -4.19 12.22
N GLY C 285 5.04 -3.64 12.79
CA GLY C 285 4.25 -4.33 13.82
C GLY C 285 3.35 -5.48 13.31
N GLN C 286 3.19 -5.70 12.01
CA GLN C 286 2.21 -6.67 11.46
C GLN C 286 2.63 -8.13 11.72
N GLY C 287 3.88 -8.41 12.09
CA GLY C 287 4.30 -9.77 12.49
C GLY C 287 3.69 -10.16 13.82
N ALA C 292 2.51 -8.97 19.05
CA ALA C 292 1.75 -7.89 19.75
C ALA C 292 2.64 -6.67 19.94
N ALA C 293 2.13 -5.60 20.59
CA ALA C 293 2.85 -4.34 20.82
C ALA C 293 2.91 -3.50 19.53
N GLY C 294 2.18 -3.89 18.48
CA GLY C 294 2.22 -3.21 17.16
C GLY C 294 1.53 -1.84 17.17
N LEU C 295 2.07 -0.87 16.44
CA LEU C 295 1.43 0.49 16.36
C LEU C 295 -0.01 0.34 15.88
N LEU C 296 -0.29 -0.43 14.83
CA LEU C 296 -1.70 -0.59 14.32
C LEU C 296 -2.63 -1.04 15.45
N ASP C 297 -2.24 -2.02 16.29
CA ASP C 297 -3.13 -2.52 17.38
C ASP C 297 -3.30 -1.46 18.48
N SER C 298 -2.28 -0.65 18.75
CA SER C 298 -2.40 0.51 19.67
C SER C 298 -3.41 1.52 19.13
N LEU C 299 -3.33 1.80 17.83
CA LEU C 299 -4.19 2.82 17.21
C LEU C 299 -5.62 2.27 17.16
N ARG C 300 -5.79 0.99 16.83
CA ARG C 300 -7.12 0.36 16.80
C ARG C 300 -7.82 0.51 18.16
N THR C 301 -7.08 0.28 19.27
CA THR C 301 -7.58 0.40 20.66
C THR C 301 -7.99 1.84 20.92
N GLN C 302 -7.14 2.82 20.57
CA GLN C 302 -7.45 4.26 20.75
C GLN C 302 -8.66 4.66 19.91
N CYS C 303 -8.78 4.14 18.70
CA CYS C 303 -9.90 4.47 17.75
C CYS C 303 -11.20 3.85 18.26
N ALA C 304 -11.18 2.64 18.84
CA ALA C 304 -12.47 2.01 19.26
C ALA C 304 -13.07 2.86 20.37
N LEU C 305 -12.24 3.56 21.19
CA LEU C 305 -12.70 4.48 22.26
C LEU C 305 -13.34 5.75 21.69
N ARG C 306 -12.95 6.16 20.49
CA ARG C 306 -13.57 7.33 19.80
C ARG C 306 -14.85 6.95 19.06
N ALA C 307 -15.07 5.69 18.70
CA ALA C 307 -16.15 5.31 17.78
C ALA C 307 -17.55 5.70 18.29
N PRO C 308 -17.87 5.60 19.60
CA PRO C 308 -19.20 6.03 20.06
C PRO C 308 -19.51 7.53 19.85
N LEU C 309 -18.50 8.39 19.68
CA LEU C 309 -18.69 9.84 19.35
C LEU C 309 -19.55 9.96 18.09
N PHE C 310 -19.36 9.06 17.13
CA PHE C 310 -19.99 9.08 15.78
C PHE C 310 -21.24 8.19 15.66
N ASP C 311 -21.96 7.93 16.74
CA ASP C 311 -23.24 7.16 16.75
C ASP C 311 -24.38 8.13 16.42
N PRO C 312 -25.31 7.80 15.47
CA PRO C 312 -26.33 8.77 15.04
C PRO C 312 -27.31 9.09 16.19
N ARG C 313 -27.46 8.19 17.17
CA ARG C 313 -28.35 8.46 18.35
C ARG C 313 -27.85 9.71 19.06
N ALA C 314 -26.52 9.89 19.17
CA ALA C 314 -25.90 11.08 19.81
C ALA C 314 -26.11 12.34 18.97
N GLU C 315 -25.83 12.24 17.69
CA GLU C 315 -25.92 13.42 16.79
C GLU C 315 -27.37 13.89 16.78
N GLN C 316 -28.32 12.97 16.70
CA GLN C 316 -29.78 13.33 16.73
C GLN C 316 -30.13 14.08 18.02
N ALA C 317 -29.60 13.64 19.17
CA ALA C 317 -29.83 14.31 20.48
C ALA C 317 -29.36 15.78 20.45
N ALA C 318 -28.16 16.03 19.93
CA ALA C 318 -27.53 17.36 19.89
C ALA C 318 -28.36 18.27 18.97
N LEU C 319 -28.88 17.69 17.88
CA LEU C 319 -29.63 18.46 16.83
C LEU C 319 -31.02 18.84 17.39
N PHE C 320 -31.66 17.93 18.11
CA PHE C 320 -32.95 18.15 18.81
C PHE C 320 -32.79 19.30 19.81
N GLN C 321 -31.75 19.27 20.64
CA GLN C 321 -31.38 20.40 21.53
C GLN C 321 -31.23 21.66 20.67
N LEU C 322 -30.41 21.62 19.63
CA LEU C 322 -30.15 22.80 18.79
C LEU C 322 -31.46 23.38 18.22
N LEU C 323 -32.33 22.54 17.69
CA LEU C 323 -33.56 22.96 16.99
C LEU C 323 -34.52 23.57 18.02
N ASN C 324 -34.54 23.01 19.24
CA ASN C 324 -35.39 23.53 20.35
C ASN C 324 -34.92 24.94 20.65
N GLU C 325 -33.60 25.20 20.65
CA GLU C 325 -33.06 26.54 21.00
C GLU C 325 -33.36 27.58 19.92
N LEU C 326 -33.45 27.15 18.66
CA LEU C 326 -33.62 28.08 17.49
C LEU C 326 -35.09 28.44 17.29
N GLN C 327 -36.01 27.48 17.53
CA GLN C 327 -37.48 27.71 17.49
C GLN C 327 -37.92 28.39 18.79
C1' UD1 D . 24.92 13.40 -8.95
C2' UD1 D . 26.26 13.11 -8.29
C3' UD1 D . 26.01 12.38 -6.99
C4' UD1 D . 25.15 13.23 -6.08
C5' UD1 D . 23.95 13.85 -6.79
C6' UD1 D . 23.40 15.01 -5.97
C7' UD1 D . 28.46 12.73 -9.37
C8' UD1 D . 29.19 12.04 -10.48
N2' UD1 D . 27.16 12.38 -9.18
O1' UD1 D . 24.17 12.22 -9.04
O3' UD1 D . 27.23 12.01 -6.34
O4' UD1 D . 24.59 12.42 -5.05
O5' UD1 D . 24.20 14.31 -8.15
O6' UD1 D . 22.40 15.68 -6.63
O7' UD1 D . 29.04 13.51 -8.62
N1 UD1 D . 18.71 5.58 -11.29
C2 UD1 D . 17.65 4.73 -11.58
N3 UD1 D . 17.72 4.16 -12.82
C4 UD1 D . 18.78 4.26 -13.73
C5 UD1 D . 19.82 5.19 -13.34
C6 UD1 D . 19.77 5.78 -12.16
O2 UD1 D . 16.67 4.65 -10.86
O4 UD1 D . 18.69 3.71 -14.83
C1B UD1 D . 18.62 6.33 -10.04
C2B UD1 D . 19.48 5.76 -8.92
O2' UD1 D . 18.78 4.77 -8.19
C3B UD1 D . 19.73 7.00 -8.05
C4B UD1 D . 19.89 8.07 -9.13
O4B UD1 D . 19.12 7.62 -10.29
O3B UD1 D . 18.66 7.31 -7.17
C5B UD1 D . 21.29 8.39 -9.57
O5B UD1 D . 21.87 9.31 -8.59
PA UD1 D . 23.37 9.16 -8.13
O1A UD1 D . 23.62 10.02 -6.92
O2A UD1 D . 23.85 7.76 -7.94
O3A UD1 D . 24.16 9.72 -9.40
PB UD1 D . 24.13 11.11 -10.22
O1B UD1 D . 25.39 11.10 -11.03
O2B UD1 D . 22.87 11.21 -11.00
C1' UD1 E . -12.84 -23.04 -5.40
C2' UD1 E . -12.71 -22.64 -3.93
C3' UD1 E . -12.57 -23.91 -3.10
C4' UD1 E . -13.80 -24.77 -3.28
C5' UD1 E . -14.20 -24.92 -4.74
C6' UD1 E . -15.66 -25.30 -4.88
C7' UD1 E . -11.67 -20.51 -3.18
C8' UD1 E . -10.47 -19.62 -3.37
N2' UD1 E . -11.61 -21.72 -3.75
O1' UD1 E . -11.79 -23.90 -5.81
O3' UD1 E . -12.36 -23.67 -1.72
O4' UD1 E . -13.52 -26.06 -2.78
O5' UD1 E . -14.08 -23.71 -5.53
O6' UD1 E . -15.91 -25.85 -6.15
O7' UD1 E . -12.62 -20.16 -2.49
N1 UD1 E . -5.21 -28.31 -9.95
C2 UD1 E . -4.48 -29.12 -10.79
N3 UD1 E . -3.44 -28.49 -11.45
C4 UD1 E . -3.05 -27.16 -11.34
C5 UD1 E . -3.85 -26.39 -10.42
C6 UD1 E . -4.89 -26.98 -9.78
O2 UD1 E . -4.75 -30.30 -10.97
O4 UD1 E . -2.10 -26.72 -12.02
C1B UD1 E . -6.38 -28.90 -9.30
C2B UD1 E . -6.20 -29.18 -7.81
O2' UD1 E . -5.58 -30.43 -7.68
C3B UD1 E . -7.65 -29.23 -7.34
C4B UD1 E . -8.26 -28.09 -8.16
O4B UD1 E . -7.44 -27.96 -9.37
O3B UD1 E . -8.34 -30.46 -7.53
C5B UD1 E . -8.32 -26.75 -7.44
O5B UD1 E . -9.42 -26.75 -6.49
PA UD1 E . -9.32 -26.00 -5.11
O1A UD1 E . -10.58 -26.24 -4.33
O2A UD1 E . -8.02 -26.29 -4.42
O3A UD1 E . -9.35 -24.45 -5.58
PB UD1 E . -10.34 -23.51 -6.44
O1B UD1 E . -9.94 -22.11 -5.99
O2B UD1 E . -10.23 -24.03 -7.82
C1' UD1 F . -16.08 19.35 4.49
C2' UD1 F . -15.05 19.51 5.61
C3' UD1 F . -15.26 18.40 6.65
C4' UD1 F . -16.67 18.51 7.24
C5' UD1 F . -17.72 18.75 6.15
C6' UD1 F . -19.01 19.34 6.70
C7' UD1 F . -12.79 20.55 5.44
C8' UD1 F . -11.49 20.53 4.69
N2' UD1 F . -13.72 19.66 5.07
O1' UD1 F . -16.13 18.05 3.95
O3' UD1 F . -14.28 18.53 7.66
O4' UD1 F . -17.05 17.31 7.94
O5' UD1 F . -17.27 19.69 5.16
O6' UD1 F . -20.11 19.28 5.77
O7' UD1 F . -12.97 21.33 6.38
N1 UD1 F . -16.12 10.53 -0.72
C2 UD1 F . -16.53 9.52 -1.58
N3 UD1 F . -15.77 9.43 -2.70
C4 UD1 F . -14.73 10.25 -3.10
C5 UD1 F . -14.43 11.33 -2.19
C6 UD1 F . -15.12 11.41 -1.04
O2 UD1 F . -17.45 8.72 -1.35
O4 UD1 F . -14.19 10.06 -4.18
C1B UD1 F . -16.92 10.79 0.48
C2B UD1 F . -16.22 10.42 1.77
O2' UD1 F . -16.43 9.05 2.09
C3B UD1 F . -16.99 11.33 2.73
C4B UD1 F . -17.17 12.63 1.91
O4B UD1 F . -17.14 12.19 0.54
O3B UD1 F . -18.26 10.80 3.11
C5B UD1 F . -16.12 13.69 2.14
O5B UD1 F . -16.42 14.35 3.40
PA UD1 F . -15.27 14.86 4.34
O1A UD1 F . -15.88 15.38 5.62
O2A UD1 F . -14.18 13.83 4.49
O3A UD1 F . -14.61 16.12 3.60
PB UD1 F . -15.12 17.43 2.84
O1B UD1 F . -13.97 18.33 2.70
O2B UD1 F . -16.00 17.17 1.65
#